data_4O6V
#
_entry.id   4O6V
#
_cell.length_a   70.890
_cell.length_b   108.360
_cell.length_c   115.400
_cell.angle_alpha   90.000
_cell.angle_beta   90.000
_cell.angle_gamma   90.000
#
_symmetry.space_group_name_H-M   'P 21 21 21'
#
loop_
_entity.id
_entity.type
_entity.pdbx_description
1 polymer 'Oxidoreductase, short-chain dehydrogenase/reductase family'
2 non-polymer GLYCEROL
3 non-polymer 1,2-ETHANEDIOL
4 water water
#
_entity_poly.entity_id   1
_entity_poly.type   'polypeptide(L)'
_entity_poly.pdbx_seq_one_letter_code
;MAHHHHHHMTIQKVAIITAGGSGMGAASARRLAQDGFAVAILSSSGKGEALAKELGGIGVTGSNQSNDDLQKLVDQTLEK
WGRIDVLVNSAGHGPRAPILEITDEDWHKGMDTYFLNAVRPARLVVPAMQKQKSGVIINISTAWAFEPSAMFPTSAVFRA
GLASFTKIFADTYAAENIRMNNVLPGWIDSLPTTEERRESVPMQRYGKSEEIAATVSFLASDGAAYITGQNLRVDGGLTR
SV
;
_entity_poly.pdbx_strand_id   A,B,C,D
#
loop_
_chem_comp.id
_chem_comp.type
_chem_comp.name
_chem_comp.formula
EDO non-polymer 1,2-ETHANEDIOL 'C2 H6 O2'
GOL non-polymer GLYCEROL 'C3 H8 O3'
#
# COMPACT_ATOMS: atom_id res chain seq x y z
N ILE A 11 -30.94 6.85 24.96
CA ILE A 11 -29.53 6.85 25.43
C ILE A 11 -28.85 8.12 24.88
N GLN A 12 -28.30 8.87 25.80
CA GLN A 12 -27.54 10.05 25.49
C GLN A 12 -26.09 9.57 25.29
N LYS A 13 -25.56 9.59 24.07
CA LYS A 13 -24.17 9.08 23.86
C LYS A 13 -23.17 10.17 24.11
N VAL A 14 -21.92 9.76 24.35
CA VAL A 14 -20.90 10.63 24.86
C VAL A 14 -19.63 10.53 24.00
N ALA A 15 -19.10 11.69 23.66
CA ALA A 15 -17.81 11.81 23.01
C ALA A 15 -16.79 12.61 23.82
N ILE A 16 -15.57 12.05 23.98
CA ILE A 16 -14.44 12.77 24.50
C ILE A 16 -13.56 13.22 23.31
N ILE A 17 -13.12 14.49 23.31
CA ILE A 17 -12.23 15.00 22.28
C ILE A 17 -10.95 15.52 22.94
N THR A 18 -9.83 14.95 22.60
CA THR A 18 -8.54 15.45 23.09
C THR A 18 -7.98 16.40 22.03
N ALA A 19 -7.33 17.46 22.50
CA ALA A 19 -6.85 18.56 21.68
C ALA A 19 -8.02 19.15 20.87
N GLY A 20 -9.11 19.41 21.57
CA GLY A 20 -10.35 19.89 20.96
C GLY A 20 -10.58 21.37 21.13
N GLY A 21 -9.52 22.14 21.45
CA GLY A 21 -9.64 23.58 21.63
C GLY A 21 -9.55 24.40 20.35
N SER A 22 -8.93 23.83 19.33
CA SER A 22 -8.82 24.54 18.05
C SER A 22 -8.73 23.53 16.92
N GLY A 23 -8.68 24.07 15.71
CA GLY A 23 -8.46 23.30 14.53
C GLY A 23 -9.46 22.15 14.35
N MET A 24 -8.94 21.00 13.93
CA MET A 24 -9.79 19.89 13.57
C MET A 24 -10.44 19.25 14.80
N GLY A 25 -9.78 19.35 15.96
CA GLY A 25 -10.37 18.91 17.20
C GLY A 25 -11.62 19.70 17.57
N ALA A 26 -11.50 21.01 17.58
CA ALA A 26 -12.65 21.86 17.83
C ALA A 26 -13.76 21.59 16.82
N ALA A 27 -13.41 21.53 15.53
CA ALA A 27 -14.40 21.26 14.47
C ALA A 27 -15.12 19.93 14.74
N SER A 28 -14.36 18.92 15.19
CA SER A 28 -14.95 17.60 15.49
C SER A 28 -15.88 17.67 16.68
N ALA A 29 -15.44 18.37 17.75
CA ALA A 29 -16.30 18.58 18.93
C ALA A 29 -17.62 19.30 18.58
N ARG A 30 -17.53 20.36 17.77
CA ARG A 30 -18.76 21.09 17.36
C ARG A 30 -19.71 20.20 16.58
N ARG A 31 -19.19 19.42 15.64
CA ARG A 31 -20.05 18.60 14.80
C ARG A 31 -20.68 17.45 15.62
N LEU A 32 -19.87 16.83 16.49
CA LEU A 32 -20.40 15.75 17.34
C LEU A 32 -21.44 16.27 18.31
N ALA A 33 -21.23 17.48 18.82
CA ALA A 33 -22.31 18.10 19.63
C ALA A 33 -23.60 18.33 18.83
N GLN A 34 -23.45 18.87 17.63
CA GLN A 34 -24.59 19.09 16.71
C GLN A 34 -25.32 17.79 16.40
N ASP A 35 -24.57 16.69 16.26
CA ASP A 35 -25.11 15.36 16.03
C ASP A 35 -25.93 14.84 17.21
N GLY A 36 -25.70 15.40 18.39
CA GLY A 36 -26.41 15.08 19.61
C GLY A 36 -25.60 14.37 20.70
N PHE A 37 -24.30 14.24 20.51
CA PHE A 37 -23.42 13.67 21.55
C PHE A 37 -23.23 14.71 22.64
N ALA A 38 -23.15 14.24 23.88
CA ALA A 38 -22.59 15.05 24.96
C ALA A 38 -21.09 15.05 24.84
N VAL A 39 -20.48 16.22 25.03
CA VAL A 39 -19.05 16.33 24.75
C VAL A 39 -18.21 16.72 25.95
N ALA A 40 -17.04 16.07 26.05
CA ALA A 40 -16.05 16.39 27.07
C ALA A 40 -14.77 16.68 26.31
N ILE A 41 -14.16 17.82 26.58
CA ILE A 41 -13.04 18.32 25.78
C ILE A 41 -11.81 18.63 26.64
N LEU A 42 -10.67 18.16 26.17
CA LEU A 42 -9.39 18.48 26.77
C LEU A 42 -8.60 19.42 25.85
N SER A 43 -7.96 20.42 26.47
CA SER A 43 -6.95 21.21 25.74
C SER A 43 -5.98 21.78 26.75
N SER A 44 -4.77 22.08 26.31
CA SER A 44 -3.77 22.67 27.21
C SER A 44 -3.90 24.21 27.28
N SER A 45 -4.40 24.83 26.22
CA SER A 45 -4.53 26.31 26.20
C SER A 45 -5.61 26.85 27.12
N GLY A 46 -6.69 26.09 27.30
CA GLY A 46 -7.89 26.60 27.92
C GLY A 46 -9.05 26.77 26.97
N LYS A 47 -8.76 26.86 25.67
CA LYS A 47 -9.80 27.05 24.66
C LYS A 47 -10.83 25.88 24.70
N GLY A 48 -10.36 24.67 24.95
CA GLY A 48 -11.25 23.47 25.07
C GLY A 48 -12.37 23.61 26.09
N GLU A 49 -12.05 24.13 27.27
CA GLU A 49 -13.07 24.46 28.27
C GLU A 49 -14.09 25.50 27.86
N ALA A 50 -13.63 26.59 27.25
CA ALA A 50 -14.55 27.63 26.76
C ALA A 50 -15.49 27.00 25.70
N LEU A 51 -14.91 26.16 24.84
CA LEU A 51 -15.73 25.51 23.77
C LEU A 51 -16.75 24.54 24.38
N ALA A 52 -16.30 23.69 25.30
CA ALA A 52 -17.24 22.77 25.99
C ALA A 52 -18.41 23.49 26.61
N LYS A 53 -18.15 24.62 27.27
CA LYS A 53 -19.21 25.37 27.89
C LYS A 53 -20.20 25.88 26.84
N GLU A 54 -19.66 26.38 25.73
CA GLU A 54 -20.51 26.82 24.60
C GLU A 54 -21.37 25.65 24.10
N LEU A 55 -20.81 24.44 24.11
CA LEU A 55 -21.52 23.28 23.56
C LEU A 55 -22.36 22.53 24.60
N GLY A 56 -22.47 23.04 25.80
CA GLY A 56 -23.25 22.34 26.82
C GLY A 56 -22.58 21.13 27.44
N GLY A 57 -21.27 21.02 27.30
CA GLY A 57 -20.52 19.86 27.76
C GLY A 57 -19.56 20.21 28.87
N ILE A 58 -18.51 19.40 29.03
CA ILE A 58 -17.54 19.64 30.09
C ILE A 58 -16.13 19.70 29.54
N GLY A 59 -15.24 20.30 30.30
CA GLY A 59 -13.89 20.49 29.79
C GLY A 59 -12.84 20.46 30.88
N VAL A 60 -11.64 20.07 30.48
CA VAL A 60 -10.51 20.05 31.36
C VAL A 60 -9.42 20.79 30.63
N THR A 61 -8.65 21.59 31.37
CA THR A 61 -7.47 22.21 30.83
C THR A 61 -6.29 21.51 31.43
N GLY A 62 -5.48 20.87 30.58
CA GLY A 62 -4.34 20.06 31.01
C GLY A 62 -3.61 19.52 29.78
N SER A 63 -2.59 18.70 30.00
CA SER A 63 -1.79 18.13 28.91
C SER A 63 -2.31 16.76 28.42
N ASN A 64 -2.44 16.60 27.09
CA ASN A 64 -2.77 15.30 26.46
C ASN A 64 -1.62 14.33 26.42
N GLN A 65 -0.52 14.71 27.09
CA GLN A 65 0.63 13.87 27.39
C GLN A 65 0.74 13.54 28.88
N SER A 66 -0.29 13.90 29.66
CA SER A 66 -0.28 13.65 31.12
C SER A 66 -1.40 12.67 31.53
N ASN A 67 -1.01 11.51 32.06
CA ASN A 67 -2.02 10.50 32.44
C ASN A 67 -3.00 10.97 33.54
N ASP A 68 -2.53 11.82 34.45
CA ASP A 68 -3.38 12.41 35.48
C ASP A 68 -4.48 13.40 34.98
N ASP A 69 -4.11 14.32 34.08
CA ASP A 69 -5.11 15.20 33.48
C ASP A 69 -6.08 14.35 32.64
N LEU A 70 -5.57 13.35 31.93
CA LEU A 70 -6.42 12.48 31.11
C LEU A 70 -7.37 11.66 31.98
N GLN A 71 -6.87 11.16 33.10
CA GLN A 71 -7.72 10.41 34.00
C GLN A 71 -8.83 11.30 34.59
N LYS A 72 -8.48 12.54 34.91
CA LYS A 72 -9.45 13.49 35.43
C LYS A 72 -10.60 13.68 34.42
N LEU A 73 -10.25 13.89 33.15
CA LEU A 73 -11.27 14.05 32.07
C LEU A 73 -12.17 12.84 31.96
N VAL A 74 -11.55 11.67 31.97
CA VAL A 74 -12.28 10.41 31.87
C VAL A 74 -13.19 10.20 33.07
N ASP A 75 -12.64 10.42 34.27
CA ASP A 75 -13.41 10.27 35.51
C ASP A 75 -14.61 11.22 35.55
N GLN A 76 -14.38 12.47 35.20
CA GLN A 76 -15.49 13.47 35.18
C GLN A 76 -16.58 13.10 34.16
N THR A 77 -16.17 12.54 33.02
CA THR A 77 -17.11 12.15 31.99
C THR A 77 -17.98 11.00 32.47
N LEU A 78 -17.35 10.01 33.09
CA LEU A 78 -18.08 8.84 33.54
C LEU A 78 -18.96 9.21 34.73
N GLU A 79 -18.49 10.10 35.59
CA GLU A 79 -19.31 10.55 36.74
C GLU A 79 -20.55 11.26 36.23
N LYS A 80 -20.41 12.08 35.18
CA LYS A 80 -21.53 12.85 34.66
C LYS A 80 -22.54 12.05 33.83
N TRP A 81 -22.06 11.25 32.90
CA TRP A 81 -22.93 10.62 31.95
C TRP A 81 -22.88 9.10 31.96
N GLY A 82 -21.95 8.50 32.68
CA GLY A 82 -21.94 7.07 32.84
C GLY A 82 -21.48 6.24 31.67
N ARG A 83 -20.98 6.86 30.60
CA ARG A 83 -20.52 6.13 29.42
C ARG A 83 -19.56 6.99 28.58
N ILE A 84 -18.82 6.32 27.72
CA ILE A 84 -17.96 6.94 26.69
C ILE A 84 -18.11 6.15 25.42
N ASP A 85 -18.79 6.73 24.45
CA ASP A 85 -19.08 6.07 23.18
C ASP A 85 -18.00 6.30 22.12
N VAL A 86 -17.44 7.50 22.13
CA VAL A 86 -16.50 7.97 21.11
C VAL A 86 -15.36 8.70 21.78
N LEU A 87 -14.16 8.38 21.34
CA LEU A 87 -12.96 9.16 21.59
C LEU A 87 -12.35 9.67 20.30
N VAL A 88 -12.15 11.00 20.20
CA VAL A 88 -11.48 11.64 19.07
C VAL A 88 -10.18 12.27 19.56
N ASN A 89 -9.05 11.84 18.97
CA ASN A 89 -7.73 12.35 19.36
C ASN A 89 -7.19 13.18 18.22
N SER A 90 -7.04 14.48 18.44
CA SER A 90 -6.45 15.39 17.48
C SER A 90 -5.01 15.75 17.95
N ALA A 91 -4.22 16.54 17.24
CA ALA A 91 -2.85 16.82 17.76
C ALA A 91 -2.29 18.19 17.52
N GLY A 92 -1.34 18.55 18.40
CA GLY A 92 -0.53 19.74 18.21
C GLY A 92 0.51 19.57 17.11
N ARG A 96 9.00 21.14 11.46
CA ARG A 96 9.88 21.23 10.29
C ARG A 96 11.37 21.33 10.69
N ALA A 97 12.16 20.31 10.31
CA ALA A 97 13.63 20.34 10.43
C ALA A 97 14.19 19.34 9.47
N PRO A 98 15.38 19.58 8.94
CA PRO A 98 16.00 18.58 8.08
C PRO A 98 16.11 17.23 8.76
N ILE A 99 15.91 16.18 7.95
CA ILE A 99 15.68 14.84 8.44
C ILE A 99 16.77 14.27 9.37
N LEU A 100 18.05 14.58 9.13
CA LEU A 100 19.14 14.15 10.04
C LEU A 100 19.43 15.14 11.16
N GLU A 101 18.83 16.31 11.11
CA GLU A 101 19.07 17.30 12.18
C GLU A 101 18.15 17.13 13.38
N ILE A 102 17.07 16.37 13.19
CA ILE A 102 16.13 16.12 14.26
C ILE A 102 16.90 15.30 15.29
N THR A 103 16.99 15.79 16.53
CA THR A 103 17.78 15.08 17.55
C THR A 103 17.02 13.87 18.09
N ASP A 104 17.76 12.95 18.75
CA ASP A 104 17.11 11.83 19.44
C ASP A 104 16.01 12.34 20.39
N GLU A 105 16.33 13.39 21.14
CA GLU A 105 15.35 14.01 22.04
C GLU A 105 14.10 14.52 21.26
N ASP A 106 14.30 15.19 20.14
CA ASP A 106 13.22 15.65 19.26
C ASP A 106 12.35 14.46 18.76
N TRP A 107 12.98 13.34 18.37
CA TRP A 107 12.23 12.18 17.92
C TRP A 107 11.37 11.65 19.07
N HIS A 108 11.95 11.57 20.26
CA HIS A 108 11.17 11.10 21.42
C HIS A 108 10.03 12.06 21.73
N LYS A 109 10.26 13.37 21.68
CA LYS A 109 9.15 14.33 21.83
C LYS A 109 8.07 14.15 20.76
N GLY A 110 8.50 14.00 19.51
CA GLY A 110 7.58 13.71 18.36
C GLY A 110 6.67 12.53 18.64
N MET A 111 7.25 11.48 19.23
CA MET A 111 6.50 10.27 19.49
C MET A 111 5.44 10.52 20.56
N ASP A 112 5.81 11.27 21.60
CA ASP A 112 4.83 11.69 22.61
C ASP A 112 3.69 12.51 22.04
N THR A 113 4.03 13.38 21.09
CA THR A 113 3.08 14.32 20.57
C THR A 113 2.11 13.71 19.55
N TYR A 114 2.61 12.84 18.69
CA TYR A 114 1.87 12.32 17.54
C TYR A 114 1.51 10.84 17.57
N PHE A 115 2.01 10.13 18.58
CA PHE A 115 1.71 8.72 18.77
C PHE A 115 1.07 8.47 20.15
N LEU A 116 1.78 8.78 21.23
CA LEU A 116 1.21 8.53 22.58
C LEU A 116 0.02 9.44 22.93
N ASN A 117 -0.14 10.54 22.20
CA ASN A 117 -1.36 11.37 22.35
C ASN A 117 -2.65 10.58 22.04
N ALA A 118 -2.57 9.60 21.14
CA ALA A 118 -3.69 8.74 20.87
C ALA A 118 -3.71 7.56 21.83
N VAL A 119 -2.53 6.98 22.07
CA VAL A 119 -2.46 5.75 22.79
C VAL A 119 -2.90 5.96 24.26
N ARG A 120 -2.42 7.03 24.90
CA ARG A 120 -2.70 7.23 26.33
C ARG A 120 -4.19 7.29 26.66
N PRO A 121 -4.96 8.13 25.95
CA PRO A 121 -6.41 8.16 26.25
C PRO A 121 -7.13 6.88 25.80
N ALA A 122 -6.67 6.25 24.73
CA ALA A 122 -7.26 4.96 24.35
C ALA A 122 -7.24 3.98 25.49
N ARG A 123 -6.12 3.89 26.23
CA ARG A 123 -6.05 2.93 27.35
C ARG A 123 -7.14 3.21 28.38
N LEU A 124 -7.46 4.49 28.60
CA LEU A 124 -8.33 4.88 29.69
C LEU A 124 -9.84 4.81 29.35
N VAL A 125 -10.19 4.83 28.06
CA VAL A 125 -11.60 4.75 27.68
C VAL A 125 -12.05 3.32 27.39
N VAL A 126 -11.12 2.43 27.08
CA VAL A 126 -11.48 1.08 26.65
C VAL A 126 -12.28 0.30 27.70
N PRO A 127 -11.96 0.46 29.02
CA PRO A 127 -12.77 -0.27 29.99
C PRO A 127 -14.25 0.01 29.94
N ALA A 128 -14.63 1.28 29.79
CA ALA A 128 -16.02 1.66 29.68
C ALA A 128 -16.61 1.05 28.39
N MET A 129 -15.85 1.12 27.30
CA MET A 129 -16.29 0.58 26.02
C MET A 129 -16.50 -0.94 26.08
N GLN A 130 -15.64 -1.61 26.81
CA GLN A 130 -15.81 -3.04 27.06
C GLN A 130 -17.08 -3.35 27.87
N LYS A 131 -17.37 -2.57 28.89
CA LYS A 131 -18.64 -2.74 29.62
C LYS A 131 -19.84 -2.52 28.68
N GLN A 132 -19.74 -1.51 27.82
CA GLN A 132 -20.82 -1.17 26.91
C GLN A 132 -20.96 -2.15 25.75
N LYS A 133 -19.92 -2.95 25.48
CA LYS A 133 -19.79 -3.76 24.27
C LYS A 133 -19.93 -2.89 23.02
N SER A 134 -19.34 -1.71 23.04
CA SER A 134 -19.56 -0.72 21.97
C SER A 134 -18.64 0.45 22.17
N GLY A 135 -17.87 0.79 21.15
CA GLY A 135 -17.00 1.96 21.25
C GLY A 135 -16.28 2.26 19.95
N VAL A 136 -15.98 3.54 19.75
CA VAL A 136 -15.27 4.04 18.55
C VAL A 136 -14.15 5.01 18.97
N ILE A 137 -12.95 4.80 18.46
CA ILE A 137 -11.84 5.73 18.68
C ILE A 137 -11.40 6.17 17.31
N ILE A 138 -11.36 7.49 17.10
CA ILE A 138 -10.97 8.08 15.84
C ILE A 138 -9.78 8.97 16.13
N ASN A 139 -8.68 8.74 15.40
CA ASN A 139 -7.49 9.56 15.51
C ASN A 139 -7.35 10.44 14.27
N ILE A 140 -7.10 11.73 14.49
CA ILE A 140 -6.73 12.59 13.41
C ILE A 140 -5.22 12.47 13.10
N SER A 141 -4.92 11.94 11.93
CA SER A 141 -3.59 11.63 11.49
C SER A 141 -3.15 12.66 10.43
N THR A 142 -2.53 12.18 9.34
CA THR A 142 -2.09 13.05 8.26
C THR A 142 -2.08 12.29 6.95
N ALA A 143 -2.49 12.97 5.87
CA ALA A 143 -2.39 12.37 4.54
C ALA A 143 -0.94 12.07 4.11
N TRP A 144 0.03 12.65 4.82
CA TRP A 144 1.46 12.44 4.52
C TRP A 144 2.03 11.16 5.17
N ALA A 145 1.19 10.40 5.89
CA ALA A 145 1.69 9.29 6.71
C ALA A 145 2.45 8.26 5.85
N PHE A 146 1.88 7.84 4.72
CA PHE A 146 2.49 6.86 3.87
C PHE A 146 3.19 7.47 2.65
N GLU A 147 3.05 8.77 2.47
CA GLU A 147 3.72 9.52 1.38
C GLU A 147 4.32 10.76 2.02
N PRO A 148 5.34 10.55 2.84
CA PRO A 148 5.84 11.65 3.65
C PRO A 148 6.68 12.64 2.91
N SER A 149 6.76 13.83 3.48
CA SER A 149 7.67 14.84 2.96
C SER A 149 8.42 15.47 4.09
N ALA A 150 9.47 16.18 3.71
CA ALA A 150 10.34 16.87 4.64
C ALA A 150 9.66 17.95 5.45
N MET A 151 8.50 18.38 5.00
CA MET A 151 7.74 19.42 5.65
C MET A 151 7.20 18.97 7.01
N PHE A 152 6.74 17.70 7.10
CA PHE A 152 6.09 17.18 8.33
C PHE A 152 6.77 15.93 8.83
N PRO A 153 8.06 16.01 9.21
CA PRO A 153 8.78 14.77 9.42
C PRO A 153 8.37 13.97 10.66
N THR A 154 8.28 14.56 11.84
CA THR A 154 7.91 13.74 12.99
C THR A 154 6.45 13.34 12.90
N SER A 155 5.62 14.27 12.44
CA SER A 155 4.20 13.95 12.23
C SER A 155 4.03 12.71 11.34
N ALA A 156 4.64 12.72 10.16
CA ALA A 156 4.44 11.59 9.25
C ALA A 156 5.00 10.31 9.82
N VAL A 157 6.22 10.35 10.37
CA VAL A 157 6.82 9.14 10.88
C VAL A 157 5.93 8.51 11.93
N PHE A 158 5.48 9.30 12.89
CA PHE A 158 4.73 8.69 13.99
C PHE A 158 3.29 8.38 13.67
N ARG A 159 2.74 9.07 12.69
CA ARG A 159 1.44 8.65 12.19
C ARG A 159 1.42 7.39 11.32
N ALA A 160 2.50 7.10 10.63
CA ALA A 160 2.67 5.76 10.03
C ALA A 160 2.71 4.71 11.16
N GLY A 161 3.47 4.98 12.21
CA GLY A 161 3.51 4.10 13.38
C GLY A 161 2.09 3.98 13.99
N LEU A 162 1.38 5.09 14.05
CA LEU A 162 0.00 5.05 14.59
C LEU A 162 -0.91 4.13 13.82
N ALA A 163 -0.76 4.09 12.51
CA ALA A 163 -1.54 3.16 11.67
C ALA A 163 -1.31 1.71 12.09
N SER A 164 -0.05 1.34 12.36
CA SER A 164 0.22 -0.06 12.77
C SER A 164 -0.33 -0.39 14.15
N PHE A 165 -0.24 0.60 15.05
CA PHE A 165 -0.87 0.47 16.33
C PHE A 165 -2.37 0.27 16.21
N THR A 166 -2.94 1.07 15.33
CA THR A 166 -4.40 1.07 15.10
C THR A 166 -4.86 -0.28 14.61
N LYS A 167 -4.09 -0.92 13.74
CA LYS A 167 -4.46 -2.23 13.20
C LYS A 167 -4.37 -3.31 14.32
N ILE A 168 -3.30 -3.31 15.10
CA ILE A 168 -3.22 -4.24 16.21
C ILE A 168 -4.40 -4.05 17.18
N PHE A 169 -4.65 -2.78 17.54
CA PHE A 169 -5.78 -2.45 18.43
C PHE A 169 -7.10 -2.99 17.84
N ALA A 170 -7.37 -2.68 16.58
CA ALA A 170 -8.59 -3.10 15.90
C ALA A 170 -8.74 -4.62 15.94
N ASP A 171 -7.66 -5.32 15.65
CA ASP A 171 -7.70 -6.79 15.73
C ASP A 171 -7.96 -7.29 17.15
N THR A 172 -7.38 -6.60 18.14
CA THR A 172 -7.47 -7.04 19.54
C THR A 172 -8.89 -6.85 20.09
N TYR A 173 -9.56 -5.75 19.71
CA TYR A 173 -10.85 -5.42 20.32
C TYR A 173 -12.08 -5.58 19.43
N ALA A 174 -11.88 -6.05 18.19
CA ALA A 174 -13.01 -6.21 17.22
C ALA A 174 -14.17 -7.07 17.76
N ALA A 175 -13.81 -8.15 18.43
CA ALA A 175 -14.78 -9.09 18.93
C ALA A 175 -15.63 -8.49 20.05
N GLU A 176 -15.15 -7.41 20.69
CA GLU A 176 -15.90 -6.67 21.70
C GLU A 176 -16.63 -5.44 21.12
N ASN A 177 -16.67 -5.35 19.78
CA ASN A 177 -17.39 -4.30 19.08
C ASN A 177 -16.82 -2.91 19.37
N ILE A 178 -15.49 -2.87 19.54
CA ILE A 178 -14.77 -1.61 19.74
C ILE A 178 -13.86 -1.41 18.53
N ARG A 179 -14.08 -0.28 17.83
CA ARG A 179 -13.40 0.01 16.56
C ARG A 179 -12.47 1.23 16.70
N MET A 180 -11.39 1.22 15.93
CA MET A 180 -10.48 2.36 15.79
C MET A 180 -10.17 2.62 14.34
N ASN A 181 -10.29 3.87 13.91
CA ASN A 181 -9.94 4.31 12.58
C ASN A 181 -9.25 5.68 12.63
N ASN A 182 -8.48 5.97 11.59
CA ASN A 182 -7.77 7.24 11.46
C ASN A 182 -8.28 8.02 10.26
N VAL A 183 -8.44 9.31 10.44
CA VAL A 183 -8.76 10.25 9.35
C VAL A 183 -7.49 10.98 9.01
N LEU A 184 -7.13 10.98 7.72
CA LEU A 184 -5.85 11.48 7.26
C LEU A 184 -6.03 12.74 6.38
N PRO A 185 -6.00 13.92 7.00
CA PRO A 185 -6.30 15.17 6.26
C PRO A 185 -5.11 15.61 5.44
N GLY A 186 -5.39 16.16 4.28
CA GLY A 186 -4.42 16.89 3.47
C GLY A 186 -4.35 18.34 3.95
N TRP A 187 -4.30 19.28 3.01
CA TRP A 187 -4.26 20.67 3.36
C TRP A 187 -5.65 21.12 3.73
N ILE A 188 -5.78 21.54 4.99
CA ILE A 188 -7.03 21.99 5.56
C ILE A 188 -6.97 23.46 6.01
N ASP A 189 -8.12 24.12 5.90
CA ASP A 189 -8.22 25.56 6.18
C ASP A 189 -8.04 26.00 7.62
N SER A 190 -7.56 25.11 8.50
CA SER A 190 -7.22 25.50 9.87
C SER A 190 -5.96 26.38 9.85
N LEU A 191 -5.18 26.35 8.76
CA LEU A 191 -4.05 27.29 8.54
C LEU A 191 -4.20 28.07 7.20
N PRO A 192 -3.50 29.22 7.07
CA PRO A 192 -3.56 29.99 5.79
C PRO A 192 -2.91 29.25 4.58
N THR A 193 -3.44 29.53 3.38
CA THR A 193 -3.00 28.85 2.19
C THR A 193 -1.64 29.41 1.71
N THR A 194 -0.95 28.63 0.88
CA THR A 194 -0.05 29.21 -0.09
C THR A 194 -0.56 28.72 -1.41
N GLU A 195 -0.23 29.47 -2.47
CA GLU A 195 -0.75 29.15 -3.78
C GLU A 195 -0.16 27.87 -4.30
N GLU A 196 1.14 27.66 -4.04
CA GLU A 196 1.75 26.40 -4.47
C GLU A 196 1.01 25.23 -3.76
N ARG A 197 0.76 25.36 -2.47
CA ARG A 197 0.06 24.26 -1.77
C ARG A 197 -1.33 24.04 -2.40
N ARG A 198 -2.08 25.11 -2.51
CA ARG A 198 -3.43 25.02 -3.03
C ARG A 198 -3.49 24.41 -4.43
N GLU A 199 -2.58 24.86 -5.30
CA GLU A 199 -2.47 24.31 -6.66
C GLU A 199 -2.00 22.87 -6.79
N SER A 200 -1.34 22.35 -5.75
CA SER A 200 -0.86 20.94 -5.74
C SER A 200 -1.99 19.94 -5.52
N VAL A 201 -3.09 20.45 -4.98
CA VAL A 201 -4.27 19.66 -4.74
C VAL A 201 -5.10 19.56 -6.03
N PRO A 202 -5.41 18.34 -6.50
CA PRO A 202 -6.21 18.29 -7.76
C PRO A 202 -7.52 19.04 -7.70
N MET A 203 -8.19 19.01 -6.56
CA MET A 203 -9.42 19.81 -6.37
C MET A 203 -9.20 21.32 -6.33
N GLN A 204 -7.96 21.78 -6.24
CA GLN A 204 -7.59 23.22 -6.40
C GLN A 204 -8.10 24.09 -5.22
N ARG A 205 -8.29 23.47 -4.07
CA ARG A 205 -8.74 24.14 -2.84
C ARG A 205 -8.28 23.34 -1.64
N TYR A 206 -8.17 24.04 -0.53
CA TYR A 206 -7.99 23.40 0.75
C TYR A 206 -9.29 22.75 1.18
N GLY A 207 -9.15 21.76 2.04
CA GLY A 207 -10.29 21.17 2.68
C GLY A 207 -10.83 22.07 3.79
N LYS A 208 -12.11 21.92 4.11
CA LYS A 208 -12.70 22.63 5.26
C LYS A 208 -12.54 21.80 6.54
N SER A 209 -12.24 22.45 7.67
CA SER A 209 -12.26 21.77 8.96
CA SER A 209 -12.27 21.80 8.97
C SER A 209 -13.58 21.00 9.10
N GLU A 210 -14.66 21.57 8.60
CA GLU A 210 -15.99 20.93 8.66
C GLU A 210 -16.12 19.63 7.86
N GLU A 211 -15.32 19.52 6.80
CA GLU A 211 -15.26 18.31 5.98
C GLU A 211 -14.52 17.18 6.71
N ILE A 212 -13.49 17.56 7.47
CA ILE A 212 -12.85 16.60 8.34
C ILE A 212 -13.81 16.18 9.44
N ALA A 213 -14.46 17.15 10.04
CA ALA A 213 -15.41 16.86 11.09
C ALA A 213 -16.57 15.98 10.59
N ALA A 214 -16.98 16.19 9.33
CA ALA A 214 -18.03 15.32 8.76
C ALA A 214 -17.63 13.83 8.64
N THR A 215 -16.37 13.62 8.33
CA THR A 215 -15.80 12.30 8.19
C THR A 215 -15.69 11.66 9.58
N VAL A 216 -15.28 12.45 10.59
CA VAL A 216 -15.36 12.02 11.98
C VAL A 216 -16.79 11.62 12.36
N SER A 217 -17.75 12.48 12.02
CA SER A 217 -19.13 12.22 12.34
C SER A 217 -19.60 10.87 11.75
N PHE A 218 -19.28 10.66 10.49
CA PHE A 218 -19.65 9.39 9.84
C PHE A 218 -19.03 8.19 10.61
N LEU A 219 -17.75 8.28 10.90
CA LEU A 219 -17.07 7.20 11.60
C LEU A 219 -17.58 6.97 13.02
N ALA A 220 -18.21 7.98 13.63
CA ALA A 220 -18.85 7.85 14.94
C ALA A 220 -20.27 7.32 14.89
N SER A 221 -20.81 7.10 13.68
CA SER A 221 -22.19 6.70 13.50
C SER A 221 -22.36 5.19 13.35
N ASP A 222 -23.57 4.71 13.64
CA ASP A 222 -23.85 3.27 13.47
C ASP A 222 -23.65 2.76 12.04
N GLY A 223 -23.82 3.64 11.06
CA GLY A 223 -23.66 3.24 9.66
C GLY A 223 -22.25 2.77 9.31
N ALA A 224 -21.27 3.33 10.03
CA ALA A 224 -19.86 3.00 9.84
C ALA A 224 -19.38 1.83 10.73
N ALA A 225 -20.28 1.09 11.40
CA ALA A 225 -19.87 0.15 12.47
C ALA A 225 -19.01 -1.00 11.94
N TYR A 226 -19.11 -1.33 10.64
CA TYR A 226 -18.29 -2.43 10.11
C TYR A 226 -16.93 -1.95 9.62
N ILE A 227 -16.60 -0.67 9.80
CA ILE A 227 -15.24 -0.17 9.46
C ILE A 227 -14.33 -0.16 10.68
N THR A 228 -13.17 -0.83 10.58
CA THR A 228 -12.18 -0.79 11.66
C THR A 228 -10.77 -1.05 11.11
N GLY A 229 -9.80 -0.40 11.74
CA GLY A 229 -8.41 -0.52 11.39
C GLY A 229 -7.99 0.33 10.20
N GLN A 230 -8.88 1.19 9.70
CA GLN A 230 -8.63 1.93 8.46
C GLN A 230 -7.98 3.31 8.59
N ASN A 231 -7.34 3.72 7.49
CA ASN A 231 -6.68 5.01 7.33
C ASN A 231 -7.31 5.69 6.11
N LEU A 232 -8.22 6.63 6.37
CA LEU A 232 -9.05 7.25 5.30
C LEU A 232 -8.50 8.64 4.98
N ARG A 233 -7.94 8.78 3.79
CA ARG A 233 -7.40 10.06 3.33
C ARG A 233 -8.48 11.01 2.83
N VAL A 234 -8.47 12.23 3.36
CA VAL A 234 -9.44 13.29 3.05
C VAL A 234 -8.59 14.44 2.59
N ASP A 235 -8.26 14.47 1.29
CA ASP A 235 -7.17 15.36 0.84
C ASP A 235 -7.34 15.95 -0.56
N GLY A 236 -8.56 15.94 -1.11
CA GLY A 236 -8.78 16.57 -2.40
C GLY A 236 -8.04 15.94 -3.55
N GLY A 237 -7.51 14.73 -3.32
CA GLY A 237 -6.78 14.00 -4.33
C GLY A 237 -5.31 14.20 -4.26
N LEU A 238 -4.82 14.82 -3.19
CA LEU A 238 -3.43 15.24 -3.12
C LEU A 238 -2.45 14.09 -3.31
N THR A 239 -2.57 13.09 -2.46
CA THR A 239 -1.66 11.96 -2.43
C THR A 239 -1.89 11.12 -3.69
N ARG A 240 -0.84 10.38 -4.04
CA ARG A 240 -0.75 9.70 -5.30
C ARG A 240 -1.19 8.25 -5.32
N SER A 241 -1.09 7.59 -4.16
CA SER A 241 -1.37 6.16 -4.08
C SER A 241 -2.88 5.86 -4.17
N VAL A 242 -3.22 4.78 -4.88
CA VAL A 242 -4.56 4.18 -4.72
C VAL A 242 -4.87 3.82 -3.25
N ILE B 11 -32.73 22.40 -4.98
CA ILE B 11 -32.16 21.33 -5.84
C ILE B 11 -32.61 19.92 -5.45
N GLN B 12 -33.35 19.30 -6.34
CA GLN B 12 -33.64 17.87 -6.19
C GLN B 12 -32.49 17.07 -6.81
N LYS B 13 -31.71 16.38 -5.99
CA LYS B 13 -30.59 15.61 -6.51
C LYS B 13 -31.03 14.21 -6.99
N VAL B 14 -30.22 13.64 -7.85
CA VAL B 14 -30.55 12.44 -8.58
C VAL B 14 -29.44 11.42 -8.52
N ALA B 15 -29.82 10.17 -8.30
CA ALA B 15 -28.86 9.06 -8.29
C ALA B 15 -29.24 7.98 -9.26
N ILE B 16 -28.27 7.56 -10.06
CA ILE B 16 -28.40 6.37 -10.88
C ILE B 16 -27.65 5.22 -10.21
N ILE B 17 -28.28 4.05 -10.14
CA ILE B 17 -27.67 2.87 -9.58
C ILE B 17 -27.68 1.77 -10.62
N THR B 18 -26.50 1.28 -10.99
CA THR B 18 -26.40 0.11 -11.88
C THR B 18 -26.19 -1.15 -11.03
N ALA B 19 -26.91 -2.19 -11.43
CA ALA B 19 -27.00 -3.51 -10.79
C ALA B 19 -27.63 -3.33 -9.43
N GLY B 20 -28.78 -2.67 -9.51
CA GLY B 20 -29.47 -2.15 -8.35
C GLY B 20 -30.73 -2.93 -7.99
N GLY B 21 -30.87 -4.13 -8.55
CA GLY B 21 -32.02 -5.00 -8.34
C GLY B 21 -32.01 -5.79 -7.05
N SER B 22 -30.81 -6.07 -6.53
CA SER B 22 -30.64 -6.89 -5.34
C SER B 22 -29.32 -6.55 -4.66
N GLY B 23 -29.04 -7.22 -3.54
CA GLY B 23 -27.73 -7.12 -2.91
C GLY B 23 -27.37 -5.68 -2.53
N MET B 24 -26.10 -5.34 -2.69
CA MET B 24 -25.62 -4.05 -2.27
C MET B 24 -26.14 -2.91 -3.17
N GLY B 25 -26.41 -3.20 -4.44
CA GLY B 25 -27.00 -2.23 -5.34
C GLY B 25 -28.40 -1.76 -4.89
N ALA B 26 -29.28 -2.75 -4.62
CA ALA B 26 -30.60 -2.44 -4.13
C ALA B 26 -30.52 -1.71 -2.76
N ALA B 27 -29.61 -2.14 -1.91
CA ALA B 27 -29.51 -1.51 -0.57
C ALA B 27 -29.11 -0.06 -0.76
N SER B 28 -28.19 0.19 -1.69
CA SER B 28 -27.76 1.55 -1.98
C SER B 28 -28.88 2.40 -2.54
N ALA B 29 -29.67 1.85 -3.46
CA ALA B 29 -30.76 2.59 -4.04
C ALA B 29 -31.80 2.94 -2.97
N ARG B 30 -32.14 1.98 -2.09
CA ARG B 30 -33.07 2.26 -1.00
C ARG B 30 -32.60 3.37 -0.05
N ARG B 31 -31.33 3.30 0.33
CA ARG B 31 -30.76 4.27 1.22
C ARG B 31 -30.72 5.68 0.59
N LEU B 32 -30.28 5.75 -0.67
CA LEU B 32 -30.22 7.04 -1.31
C LEU B 32 -31.63 7.65 -1.48
N ALA B 33 -32.62 6.82 -1.78
CA ALA B 33 -33.99 7.32 -1.79
C ALA B 33 -34.43 7.88 -0.45
N GLN B 34 -34.10 7.15 0.63
CA GLN B 34 -34.40 7.54 2.00
C GLN B 34 -33.71 8.88 2.30
N ASP B 35 -32.49 9.06 1.80
CA ASP B 35 -31.78 10.31 1.97
C ASP B 35 -32.41 11.48 1.22
N GLY B 36 -33.25 11.19 0.24
CA GLY B 36 -34.01 12.23 -0.47
C GLY B 36 -33.69 12.30 -1.96
N PHE B 37 -32.79 11.43 -2.46
CA PHE B 37 -32.47 11.42 -3.88
C PHE B 37 -33.62 10.82 -4.71
N ALA B 38 -33.87 11.37 -5.90
CA ALA B 38 -34.58 10.67 -6.96
C ALA B 38 -33.70 9.52 -7.45
N VAL B 39 -34.30 8.39 -7.80
CA VAL B 39 -33.48 7.24 -8.19
C VAL B 39 -33.89 6.62 -9.53
N ALA B 40 -32.86 6.24 -10.28
CA ALA B 40 -32.98 5.51 -11.51
C ALA B 40 -32.13 4.26 -11.38
N ILE B 41 -32.72 3.11 -11.73
CA ILE B 41 -32.09 1.82 -11.51
C ILE B 41 -31.99 0.99 -12.77
N LEU B 42 -30.81 0.43 -13.00
CA LEU B 42 -30.60 -0.58 -14.03
C LEU B 42 -30.38 -1.94 -13.38
N SER B 43 -31.10 -2.95 -13.84
CA SER B 43 -30.90 -4.30 -13.39
C SER B 43 -31.32 -5.27 -14.51
N SER B 44 -30.66 -6.43 -14.64
CA SER B 44 -31.12 -7.48 -15.56
C SER B 44 -32.35 -8.21 -15.01
N SER B 45 -32.50 -8.18 -13.70
CA SER B 45 -33.68 -8.71 -13.04
C SER B 45 -34.89 -7.78 -13.18
N GLY B 46 -36.09 -8.34 -13.13
CA GLY B 46 -37.29 -7.53 -12.93
C GLY B 46 -37.31 -6.76 -11.60
N LYS B 47 -36.41 -7.13 -10.67
CA LYS B 47 -36.39 -6.56 -9.33
C LYS B 47 -36.07 -5.09 -9.37
N GLY B 48 -35.17 -4.70 -10.26
CA GLY B 48 -34.78 -3.31 -10.41
C GLY B 48 -35.99 -2.42 -10.62
N GLU B 49 -36.84 -2.78 -11.58
CA GLU B 49 -38.03 -2.00 -11.90
C GLU B 49 -39.04 -1.94 -10.76
N ALA B 50 -39.30 -3.09 -10.12
CA ALA B 50 -40.19 -3.15 -8.98
C ALA B 50 -39.69 -2.16 -7.89
N LEU B 51 -38.38 -2.10 -7.67
CA LEU B 51 -37.79 -1.27 -6.65
C LEU B 51 -37.88 0.20 -7.02
N ALA B 52 -37.50 0.51 -8.25
CA ALA B 52 -37.61 1.88 -8.73
C ALA B 52 -39.05 2.42 -8.60
N LYS B 53 -40.03 1.63 -9.04
CA LYS B 53 -41.45 1.98 -8.99
C LYS B 53 -41.89 2.29 -7.56
N GLU B 54 -41.45 1.45 -6.63
CA GLU B 54 -41.74 1.65 -5.22
C GLU B 54 -41.20 2.99 -4.69
N LEU B 55 -39.99 3.34 -5.14
CA LEU B 55 -39.25 4.51 -4.64
C LEU B 55 -39.56 5.74 -5.48
N GLY B 56 -40.58 5.64 -6.33
CA GLY B 56 -41.03 6.72 -7.20
C GLY B 56 -40.09 7.15 -8.33
N GLY B 57 -39.21 6.24 -8.72
CA GLY B 57 -38.17 6.56 -9.66
C GLY B 57 -38.41 5.85 -10.97
N ILE B 58 -37.32 5.62 -11.69
CA ILE B 58 -37.41 4.93 -12.97
C ILE B 58 -36.46 3.77 -13.05
N GLY B 59 -36.86 2.75 -13.79
CA GLY B 59 -36.03 1.56 -13.91
C GLY B 59 -35.93 1.10 -15.34
N VAL B 60 -34.77 0.59 -15.68
CA VAL B 60 -34.58 -0.09 -16.94
C VAL B 60 -34.15 -1.53 -16.67
N THR B 61 -34.80 -2.47 -17.35
CA THR B 61 -34.43 -3.87 -17.26
C THR B 61 -33.47 -4.09 -18.40
N GLY B 62 -32.24 -4.45 -18.05
CA GLY B 62 -31.21 -4.52 -19.06
C GLY B 62 -29.87 -4.78 -18.44
N SER B 63 -28.82 -4.68 -19.26
CA SER B 63 -27.48 -5.15 -18.90
C SER B 63 -26.47 -4.02 -18.72
N ASN B 64 -25.72 -4.06 -17.62
CA ASN B 64 -24.67 -3.10 -17.34
C ASN B 64 -23.43 -3.32 -18.24
N GLN B 65 -23.56 -4.23 -19.22
CA GLN B 65 -22.60 -4.42 -20.30
C GLN B 65 -23.09 -3.89 -21.63
N SER B 66 -24.34 -3.43 -21.71
CA SER B 66 -24.94 -2.98 -22.97
C SER B 66 -24.95 -1.45 -23.09
N ASN B 67 -24.33 -0.97 -24.16
CA ASN B 67 -24.29 0.47 -24.48
C ASN B 67 -25.69 1.05 -24.61
N ASP B 68 -26.58 0.32 -25.30
CA ASP B 68 -27.94 0.78 -25.52
C ASP B 68 -28.74 0.91 -24.22
N ASP B 69 -28.66 -0.11 -23.37
CA ASP B 69 -29.40 -0.12 -22.10
C ASP B 69 -28.91 1.04 -21.23
N LEU B 70 -27.59 1.21 -21.11
CA LEU B 70 -27.05 2.29 -20.28
C LEU B 70 -27.44 3.66 -20.78
N GLN B 71 -27.41 3.86 -22.09
CA GLN B 71 -27.70 5.18 -22.64
C GLN B 71 -29.17 5.54 -22.44
N LYS B 72 -30.02 4.54 -22.57
CA LYS B 72 -31.47 4.66 -22.30
C LYS B 72 -31.72 5.12 -20.86
N LEU B 73 -31.10 4.41 -19.92
N LEU B 73 -31.11 4.46 -19.89
CA LEU B 73 -31.13 4.75 -18.50
CA LEU B 73 -31.31 4.87 -18.49
C LEU B 73 -30.80 6.22 -18.25
C LEU B 73 -30.83 6.29 -18.24
N VAL B 74 -29.65 6.63 -18.78
CA VAL B 74 -29.12 7.99 -18.65
C VAL B 74 -30.05 9.02 -19.31
N ASP B 75 -30.46 8.74 -20.54
CA ASP B 75 -31.36 9.65 -21.24
C ASP B 75 -32.68 9.79 -20.49
N GLN B 76 -33.27 8.68 -20.05
CA GLN B 76 -34.55 8.78 -19.32
C GLN B 76 -34.41 9.58 -18.00
N THR B 77 -33.25 9.46 -17.35
CA THR B 77 -33.00 10.16 -16.07
C THR B 77 -32.88 11.68 -16.32
N LEU B 78 -32.13 12.06 -17.34
CA LEU B 78 -31.97 13.47 -17.68
C LEU B 78 -33.29 14.07 -18.20
N GLU B 79 -34.09 13.28 -18.92
CA GLU B 79 -35.39 13.77 -19.42
C GLU B 79 -36.30 14.04 -18.24
N LYS B 80 -36.28 13.16 -17.23
CA LYS B 80 -37.18 13.29 -16.10
C LYS B 80 -36.78 14.39 -15.11
N TRP B 81 -35.53 14.43 -14.66
CA TRP B 81 -35.08 15.35 -13.61
C TRP B 81 -34.01 16.39 -13.99
N GLY B 82 -33.40 16.24 -15.17
CA GLY B 82 -32.46 17.20 -15.71
C GLY B 82 -31.06 17.23 -15.14
N ARG B 83 -30.71 16.23 -14.34
CA ARG B 83 -29.40 16.21 -13.73
C ARG B 83 -29.07 14.79 -13.27
N ILE B 84 -27.78 14.55 -13.04
CA ILE B 84 -27.34 13.28 -12.47
C ILE B 84 -26.25 13.66 -11.48
N ASP B 85 -26.56 13.52 -10.18
CA ASP B 85 -25.62 13.89 -9.12
C ASP B 85 -24.72 12.77 -8.65
N VAL B 86 -25.26 11.55 -8.59
CA VAL B 86 -24.55 10.38 -8.07
C VAL B 86 -24.75 9.22 -9.02
N LEU B 87 -23.68 8.48 -9.28
CA LEU B 87 -23.75 7.19 -9.96
C LEU B 87 -23.16 6.18 -9.02
N VAL B 88 -23.92 5.11 -8.75
CA VAL B 88 -23.38 4.01 -7.94
C VAL B 88 -23.34 2.77 -8.82
N ASN B 89 -22.17 2.14 -8.96
CA ASN B 89 -22.05 0.95 -9.76
C ASN B 89 -21.81 -0.27 -8.91
N SER B 90 -22.79 -1.16 -8.85
CA SER B 90 -22.58 -2.41 -8.14
C SER B 90 -22.20 -3.41 -9.25
N ALA B 91 -22.04 -4.67 -8.97
CA ALA B 91 -21.58 -5.60 -10.01
C ALA B 91 -22.22 -6.95 -9.84
N GLY B 92 -22.23 -7.73 -10.91
CA GLY B 92 -22.70 -9.12 -10.80
C GLY B 92 -21.56 -10.01 -10.35
N HIS B 93 -21.51 -11.21 -10.93
CA HIS B 93 -20.51 -12.22 -10.60
C HIS B 93 -19.78 -12.67 -11.85
N GLY B 94 -18.46 -12.75 -11.74
CA GLY B 94 -17.59 -13.07 -12.89
C GLY B 94 -16.90 -14.41 -12.65
N PRO B 95 -16.03 -14.82 -13.60
CA PRO B 95 -15.35 -16.13 -13.53
C PRO B 95 -14.59 -16.40 -12.20
N ARG B 96 -14.70 -17.64 -11.71
CA ARG B 96 -13.97 -18.12 -10.52
C ARG B 96 -13.39 -19.54 -10.82
N ALA B 97 -12.07 -19.70 -10.87
CA ALA B 97 -11.44 -20.98 -11.16
C ALA B 97 -9.98 -20.94 -10.77
N PRO B 98 -9.28 -22.09 -10.80
CA PRO B 98 -7.86 -22.05 -10.48
C PRO B 98 -7.17 -21.05 -11.39
N ILE B 99 -6.19 -20.35 -10.82
CA ILE B 99 -5.62 -19.13 -11.44
C ILE B 99 -5.09 -19.31 -12.87
N LEU B 100 -4.48 -20.45 -13.19
CA LEU B 100 -4.00 -20.72 -14.58
C LEU B 100 -5.06 -21.35 -15.52
N GLU B 101 -6.19 -21.78 -14.98
CA GLU B 101 -7.24 -22.41 -15.80
C GLU B 101 -8.24 -21.40 -16.33
N ILE B 102 -8.21 -20.17 -15.84
CA ILE B 102 -9.09 -19.14 -16.32
C ILE B 102 -8.61 -18.83 -17.74
N THR B 103 -9.47 -18.92 -18.71
CA THR B 103 -9.02 -18.80 -20.10
C THR B 103 -8.87 -17.33 -20.46
N ASP B 104 -8.21 -17.05 -21.58
CA ASP B 104 -8.15 -15.67 -22.06
C ASP B 104 -9.55 -15.07 -22.21
N GLU B 105 -10.49 -15.87 -22.71
CA GLU B 105 -11.85 -15.42 -22.85
C GLU B 105 -12.51 -15.07 -21.52
N ASP B 106 -12.35 -15.94 -20.51
CA ASP B 106 -12.87 -15.70 -19.15
C ASP B 106 -12.24 -14.41 -18.59
N TRP B 107 -10.94 -14.17 -18.81
CA TRP B 107 -10.29 -12.93 -18.34
C TRP B 107 -10.95 -11.70 -18.99
N HIS B 108 -11.21 -11.76 -20.31
CA HIS B 108 -11.92 -10.67 -20.99
C HIS B 108 -13.36 -10.49 -20.46
N LYS B 109 -14.10 -11.59 -20.22
CA LYS B 109 -15.42 -11.51 -19.58
C LYS B 109 -15.34 -10.88 -18.17
N GLY B 110 -14.32 -11.25 -17.39
CA GLY B 110 -14.14 -10.69 -16.07
C GLY B 110 -13.97 -9.19 -16.16
N MET B 111 -13.21 -8.74 -17.15
CA MET B 111 -12.99 -7.32 -17.32
C MET B 111 -14.31 -6.62 -17.56
N ASP B 112 -15.17 -7.20 -18.40
CA ASP B 112 -16.48 -6.57 -18.65
C ASP B 112 -17.33 -6.53 -17.43
N THR B 113 -17.27 -7.58 -16.62
CA THR B 113 -18.08 -7.71 -15.42
C THR B 113 -17.65 -6.79 -14.29
N TYR B 114 -16.33 -6.60 -14.11
CA TYR B 114 -15.83 -5.94 -12.92
C TYR B 114 -15.09 -4.64 -13.13
N PHE B 115 -14.75 -4.33 -14.37
CA PHE B 115 -14.07 -3.09 -14.68
C PHE B 115 -14.95 -2.21 -15.59
N LEU B 116 -15.29 -2.72 -16.76
CA LEU B 116 -16.05 -1.94 -17.73
C LEU B 116 -17.51 -1.65 -17.28
N ASN B 117 -18.04 -2.46 -16.36
CA ASN B 117 -19.33 -2.14 -15.67
C ASN B 117 -19.38 -0.76 -14.97
N ALA B 118 -18.22 -0.31 -14.49
CA ALA B 118 -18.06 0.99 -13.86
C ALA B 118 -17.69 2.05 -14.87
N VAL B 119 -16.76 1.69 -15.76
CA VAL B 119 -16.24 2.66 -16.71
C VAL B 119 -17.34 3.14 -17.67
N ARG B 120 -18.07 2.20 -18.24
CA ARG B 120 -19.09 2.51 -19.25
C ARG B 120 -20.12 3.55 -18.82
N PRO B 121 -20.82 3.30 -17.69
CA PRO B 121 -21.74 4.36 -17.19
C PRO B 121 -21.01 5.65 -16.80
N ALA B 122 -19.79 5.59 -16.27
CA ALA B 122 -19.09 6.81 -15.92
C ALA B 122 -18.92 7.72 -17.14
N ARG B 123 -18.57 7.13 -18.29
CA ARG B 123 -18.47 7.94 -19.49
C ARG B 123 -19.75 8.72 -19.80
N LEU B 124 -20.91 8.12 -19.53
CA LEU B 124 -22.15 8.70 -19.96
C LEU B 124 -22.76 9.73 -19.01
N VAL B 125 -22.37 9.72 -17.72
CA VAL B 125 -22.91 10.66 -16.74
C VAL B 125 -22.01 11.89 -16.55
N VAL B 126 -20.73 11.75 -16.90
CA VAL B 126 -19.80 12.86 -16.71
C VAL B 126 -20.19 14.18 -17.44
N PRO B 127 -20.73 14.11 -18.67
CA PRO B 127 -21.10 15.37 -19.28
C PRO B 127 -22.07 16.19 -18.44
N ALA B 128 -23.10 15.55 -17.89
CA ALA B 128 -24.06 16.28 -17.01
C ALA B 128 -23.35 16.81 -15.79
N MET B 129 -22.50 15.96 -15.21
CA MET B 129 -21.77 16.39 -14.02
C MET B 129 -20.86 17.60 -14.30
N GLN B 130 -20.31 17.66 -15.51
CA GLN B 130 -19.47 18.79 -15.89
C GLN B 130 -20.28 20.05 -16.01
N LYS B 131 -21.48 19.94 -16.58
CA LYS B 131 -22.38 21.08 -16.72
C LYS B 131 -22.78 21.57 -15.31
N GLN B 132 -22.99 20.63 -14.40
CA GLN B 132 -23.35 20.93 -13.04
C GLN B 132 -22.19 21.47 -12.19
N LYS B 133 -20.94 21.28 -12.64
CA LYS B 133 -19.73 21.47 -11.84
C LYS B 133 -19.84 20.72 -10.49
N SER B 134 -20.36 19.49 -10.53
CA SER B 134 -20.54 18.73 -9.30
C SER B 134 -20.95 17.32 -9.67
N GLY B 135 -20.35 16.31 -9.06
CA GLY B 135 -20.80 14.97 -9.26
C GLY B 135 -19.99 13.99 -8.44
N VAL B 136 -20.61 12.84 -8.19
CA VAL B 136 -19.99 11.77 -7.41
C VAL B 136 -20.27 10.43 -8.11
N ILE B 137 -19.21 9.63 -8.28
CA ILE B 137 -19.33 8.24 -8.75
C ILE B 137 -18.71 7.34 -7.71
N ILE B 138 -19.50 6.35 -7.31
CA ILE B 138 -19.09 5.40 -6.29
C ILE B 138 -19.22 4.01 -6.84
N ASN B 139 -18.10 3.31 -6.87
CA ASN B 139 -18.08 1.91 -7.28
C ASN B 139 -18.02 0.94 -6.12
N ILE B 140 -18.89 -0.09 -6.15
CA ILE B 140 -18.76 -1.21 -5.21
C ILE B 140 -17.68 -2.17 -5.70
N SER B 141 -16.60 -2.30 -4.94
CA SER B 141 -15.43 -3.08 -5.32
C SER B 141 -15.36 -4.32 -4.40
N THR B 142 -14.17 -4.64 -3.88
CA THR B 142 -13.99 -5.79 -2.97
C THR B 142 -12.81 -5.55 -2.05
N ALA B 143 -12.97 -5.93 -0.78
CA ALA B 143 -11.90 -5.83 0.19
C ALA B 143 -10.68 -6.70 -0.20
N TRP B 144 -10.83 -7.65 -1.12
CA TRP B 144 -9.72 -8.50 -1.58
C TRP B 144 -8.92 -7.88 -2.76
N ALA B 145 -9.20 -6.62 -3.12
CA ALA B 145 -8.60 -6.02 -4.32
C ALA B 145 -7.07 -6.07 -4.24
N PHE B 146 -6.55 -5.69 -3.08
CA PHE B 146 -5.07 -5.60 -2.86
C PHE B 146 -4.50 -6.72 -1.99
N GLU B 147 -5.41 -7.56 -1.47
CA GLU B 147 -5.07 -8.77 -0.71
C GLU B 147 -5.91 -9.92 -1.32
N PRO B 148 -5.59 -10.28 -2.56
CA PRO B 148 -6.46 -11.17 -3.32
C PRO B 148 -6.46 -12.59 -2.82
N SER B 149 -7.58 -13.26 -3.08
CA SER B 149 -7.82 -14.60 -2.66
C SER B 149 -8.06 -15.39 -3.95
N ALA B 150 -7.55 -16.60 -4.01
CA ALA B 150 -7.87 -17.53 -5.08
C ALA B 150 -9.37 -17.74 -5.26
N MET B 151 -10.18 -17.45 -4.25
CA MET B 151 -11.63 -17.62 -4.37
C MET B 151 -12.32 -16.70 -5.38
N PHE B 152 -11.73 -15.53 -5.63
CA PHE B 152 -12.37 -14.45 -6.41
C PHE B 152 -11.32 -13.83 -7.33
N PRO B 153 -10.75 -14.63 -8.22
CA PRO B 153 -9.61 -14.17 -8.99
C PRO B 153 -9.92 -13.06 -9.98
N THR B 154 -11.00 -13.19 -10.76
CA THR B 154 -11.32 -12.09 -11.71
C THR B 154 -11.80 -10.83 -11.01
N SER B 155 -12.61 -10.99 -9.97
CA SER B 155 -13.03 -9.86 -9.12
C SER B 155 -11.83 -9.09 -8.57
N ALA B 156 -10.87 -9.76 -7.96
CA ALA B 156 -9.74 -9.04 -7.37
C ALA B 156 -8.87 -8.37 -8.42
N VAL B 157 -8.51 -9.13 -9.45
CA VAL B 157 -7.70 -8.57 -10.53
C VAL B 157 -8.30 -7.27 -11.11
N PHE B 158 -9.58 -7.32 -11.46
CA PHE B 158 -10.17 -6.18 -12.17
C PHE B 158 -10.55 -5.05 -11.25
N ARG B 159 -10.77 -5.35 -9.98
CA ARG B 159 -11.01 -4.28 -8.99
C ARG B 159 -9.73 -3.59 -8.57
N ALA B 160 -8.61 -4.30 -8.61
CA ALA B 160 -7.33 -3.61 -8.42
C ALA B 160 -7.13 -2.65 -9.62
N GLY B 161 -7.37 -3.14 -10.84
CA GLY B 161 -7.41 -2.32 -12.06
C GLY B 161 -8.33 -1.11 -11.90
N LEU B 162 -9.53 -1.37 -11.40
CA LEU B 162 -10.49 -0.31 -11.14
C LEU B 162 -9.95 0.78 -10.24
N ALA B 163 -9.16 0.43 -9.23
CA ALA B 163 -8.63 1.42 -8.34
C ALA B 163 -7.71 2.40 -9.12
N SER B 164 -6.88 1.88 -10.03
CA SER B 164 -5.96 2.75 -10.76
C SER B 164 -6.74 3.59 -11.76
N PHE B 165 -7.75 3.01 -12.40
CA PHE B 165 -8.66 3.81 -13.21
C PHE B 165 -9.29 4.95 -12.38
N THR B 166 -9.75 4.62 -11.18
CA THR B 166 -10.40 5.57 -10.30
C THR B 166 -9.47 6.73 -9.93
N LYS B 167 -8.21 6.43 -9.67
CA LYS B 167 -7.25 7.48 -9.37
C LYS B 167 -7.03 8.42 -10.54
N ILE B 168 -6.84 7.87 -11.74
CA ILE B 168 -6.60 8.70 -12.96
C ILE B 168 -7.86 9.55 -13.19
N PHE B 169 -9.03 8.92 -13.04
CA PHE B 169 -10.29 9.67 -13.17
C PHE B 169 -10.35 10.86 -12.18
N ALA B 170 -10.06 10.57 -10.91
CA ALA B 170 -10.16 11.52 -9.86
C ALA B 170 -9.22 12.69 -10.12
N ASP B 171 -8.01 12.39 -10.61
CA ASP B 171 -7.07 13.45 -10.91
C ASP B 171 -7.53 14.28 -12.13
N THR B 172 -8.17 13.62 -13.10
CA THR B 172 -8.58 14.28 -14.35
C THR B 172 -9.74 15.24 -14.11
N TYR B 173 -10.68 14.87 -13.23
CA TYR B 173 -11.90 15.62 -13.02
C TYR B 173 -12.04 16.38 -11.70
N ALA B 174 -11.03 16.32 -10.84
CA ALA B 174 -11.09 17.00 -9.55
C ALA B 174 -11.34 18.51 -9.66
N ALA B 175 -10.69 19.14 -10.62
CA ALA B 175 -10.84 20.59 -10.85
C ALA B 175 -12.28 21.02 -11.19
N GLU B 176 -13.08 20.09 -11.72
CA GLU B 176 -14.48 20.30 -12.06
C GLU B 176 -15.43 19.80 -10.93
N ASN B 177 -14.87 19.48 -9.76
CA ASN B 177 -15.63 19.06 -8.58
C ASN B 177 -16.40 17.76 -8.79
N ILE B 178 -15.82 16.88 -9.58
CA ILE B 178 -16.41 15.55 -9.84
C ILE B 178 -15.47 14.56 -9.19
N ARG B 179 -16.00 13.75 -8.27
CA ARG B 179 -15.22 12.83 -7.46
C ARG B 179 -15.61 11.39 -7.77
N MET B 180 -14.65 10.47 -7.61
CA MET B 180 -14.90 9.05 -7.70
C MET B 180 -14.18 8.32 -6.55
N ASN B 181 -14.90 7.44 -5.84
CA ASN B 181 -14.34 6.65 -4.79
C ASN B 181 -14.94 5.24 -4.84
N ASN B 182 -14.22 4.29 -4.29
CA ASN B 182 -14.65 2.91 -4.26
C ASN B 182 -14.88 2.44 -2.83
N VAL B 183 -15.92 1.66 -2.65
CA VAL B 183 -16.23 1.01 -1.38
C VAL B 183 -15.86 -0.46 -1.53
N LEU B 184 -15.03 -0.98 -0.63
CA LEU B 184 -14.46 -2.34 -0.77
C LEU B 184 -15.03 -3.22 0.35
N PRO B 185 -16.16 -3.89 0.09
CA PRO B 185 -16.74 -4.73 1.17
C PRO B 185 -16.01 -6.01 1.42
N GLY B 186 -16.03 -6.46 2.67
CA GLY B 186 -15.62 -7.82 3.00
C GLY B 186 -16.75 -8.82 2.78
N TRP B 187 -16.94 -9.70 3.75
CA TRP B 187 -18.08 -10.59 3.77
C TRP B 187 -19.33 -9.83 4.21
N ILE B 188 -20.29 -9.77 3.33
CA ILE B 188 -21.52 -9.06 3.57
C ILE B 188 -22.69 -10.04 3.51
N ASP B 189 -23.74 -9.72 4.24
CA ASP B 189 -24.88 -10.64 4.40
C ASP B 189 -25.83 -10.71 3.21
N SER B 190 -25.38 -10.19 2.06
CA SER B 190 -26.06 -10.47 0.78
C SER B 190 -25.93 -11.95 0.40
N LEU B 191 -25.05 -12.67 1.09
CA LEU B 191 -24.97 -14.11 0.93
C LEU B 191 -24.88 -14.77 2.28
N PRO B 192 -25.29 -16.04 2.36
CA PRO B 192 -25.28 -16.73 3.64
C PRO B 192 -23.86 -16.94 4.13
N THR B 193 -23.68 -16.93 5.46
CA THR B 193 -22.37 -17.13 6.04
C THR B 193 -21.92 -18.56 5.91
N THR B 194 -20.61 -18.76 6.04
CA THR B 194 -20.11 -20.01 6.56
C THR B 194 -19.44 -19.69 7.86
N GLU B 195 -19.39 -20.68 8.75
CA GLU B 195 -18.72 -20.49 10.02
C GLU B 195 -17.24 -20.09 9.84
N GLU B 196 -16.54 -20.73 8.91
CA GLU B 196 -15.09 -20.42 8.70
C GLU B 196 -14.93 -18.97 8.26
N ARG B 197 -15.77 -18.51 7.36
CA ARG B 197 -15.64 -17.13 6.88
C ARG B 197 -15.97 -16.12 7.98
N ARG B 198 -17.08 -16.36 8.68
CA ARG B 198 -17.50 -15.47 9.79
C ARG B 198 -16.42 -15.38 10.86
N GLU B 199 -15.90 -16.55 11.26
CA GLU B 199 -14.84 -16.58 12.30
C GLU B 199 -13.52 -15.99 11.84
N SER B 200 -13.28 -15.87 10.55
CA SER B 200 -12.08 -15.22 10.03
C SER B 200 -12.13 -13.67 10.11
N VAL B 201 -13.33 -13.12 10.27
CA VAL B 201 -13.48 -11.69 10.44
C VAL B 201 -13.23 -11.29 11.89
N PRO B 202 -12.35 -10.31 12.19
CA PRO B 202 -12.16 -10.00 13.59
C PRO B 202 -13.42 -9.62 14.37
N MET B 203 -14.33 -8.90 13.72
CA MET B 203 -15.62 -8.55 14.36
C MET B 203 -16.61 -9.71 14.53
N GLN B 204 -16.28 -10.86 13.98
CA GLN B 204 -16.97 -12.14 14.17
C GLN B 204 -18.40 -12.10 13.63
N ARG B 205 -18.62 -11.27 12.62
CA ARG B 205 -19.90 -11.23 11.94
C ARG B 205 -19.70 -10.78 10.51
N TYR B 206 -20.66 -11.11 9.64
CA TYR B 206 -20.71 -10.45 8.33
C TYR B 206 -21.21 -9.00 8.46
N GLY B 207 -20.83 -8.19 7.48
CA GLY B 207 -21.35 -6.83 7.44
C GLY B 207 -22.76 -6.86 6.91
N LYS B 208 -23.52 -5.82 7.24
CA LYS B 208 -24.87 -5.73 6.73
C LYS B 208 -24.85 -5.01 5.37
N SER B 209 -25.72 -5.41 4.44
CA SER B 209 -25.86 -4.57 3.23
C SER B 209 -26.17 -3.10 3.58
N GLU B 210 -26.89 -2.87 4.67
CA GLU B 210 -27.22 -1.51 5.07
C GLU B 210 -25.99 -0.75 5.52
N GLU B 211 -24.96 -1.46 5.99
CA GLU B 211 -23.71 -0.79 6.36
C GLU B 211 -22.94 -0.34 5.15
N ILE B 212 -23.00 -1.14 4.09
CA ILE B 212 -22.39 -0.76 2.82
C ILE B 212 -23.15 0.44 2.24
N ALA B 213 -24.46 0.37 2.27
CA ALA B 213 -25.29 1.47 1.81
C ALA B 213 -25.09 2.77 2.62
N ALA B 214 -24.84 2.66 3.90
CA ALA B 214 -24.52 3.84 4.71
C ALA B 214 -23.21 4.47 4.33
N THR B 215 -22.26 3.63 3.92
CA THR B 215 -20.93 4.13 3.49
C THR B 215 -21.09 4.84 2.11
N VAL B 216 -21.89 4.24 1.22
CA VAL B 216 -22.31 4.89 -0.04
C VAL B 216 -23.00 6.23 0.24
N SER B 217 -23.95 6.25 1.18
CA SER B 217 -24.64 7.49 1.58
C SER B 217 -23.70 8.60 2.02
N PHE B 218 -22.76 8.28 2.92
CA PHE B 218 -21.77 9.26 3.30
C PHE B 218 -20.99 9.78 2.11
N LEU B 219 -20.49 8.89 1.28
CA LEU B 219 -19.70 9.33 0.12
C LEU B 219 -20.47 10.16 -0.92
N ALA B 220 -21.78 10.02 -0.93
CA ALA B 220 -22.65 10.83 -1.78
C ALA B 220 -23.05 12.13 -1.12
N SER B 221 -22.61 12.35 0.11
CA SER B 221 -23.04 13.56 0.86
C SER B 221 -22.06 14.74 0.70
N ASP B 222 -22.54 15.95 0.96
CA ASP B 222 -21.63 17.12 0.92
C ASP B 222 -20.47 17.01 1.91
N GLY B 223 -20.69 16.35 3.02
CA GLY B 223 -19.63 16.19 4.02
C GLY B 223 -18.38 15.45 3.56
N ALA B 224 -18.57 14.58 2.58
CA ALA B 224 -17.49 13.81 1.97
C ALA B 224 -16.88 14.46 0.77
N ALA B 225 -17.17 15.74 0.51
CA ALA B 225 -16.82 16.34 -0.75
C ALA B 225 -15.32 16.46 -0.99
N TYR B 226 -14.51 16.43 0.06
CA TYR B 226 -13.07 16.47 -0.10
C TYR B 226 -12.38 15.14 -0.28
N ILE B 227 -13.17 14.06 -0.36
CA ILE B 227 -12.64 12.70 -0.56
C ILE B 227 -12.75 12.34 -2.01
N THR B 228 -11.63 11.97 -2.61
CA THR B 228 -11.64 11.51 -3.99
C THR B 228 -10.46 10.62 -4.26
N GLY B 229 -10.72 9.63 -5.12
CA GLY B 229 -9.70 8.72 -5.57
C GLY B 229 -9.45 7.57 -4.59
N GLN B 230 -10.31 7.41 -3.58
CA GLN B 230 -10.01 6.47 -2.48
C GLN B 230 -10.65 5.13 -2.58
N ASN B 231 -10.10 4.17 -1.86
CA ASN B 231 -10.60 2.82 -1.78
C ASN B 231 -10.82 2.49 -0.33
N LEU B 232 -12.07 2.51 0.11
CA LEU B 232 -12.41 2.38 1.52
C LEU B 232 -12.90 0.98 1.87
N ARG B 233 -12.11 0.25 2.65
CA ARG B 233 -12.47 -1.13 3.06
C ARG B 233 -13.45 -1.09 4.20
N VAL B 234 -14.52 -1.85 4.01
CA VAL B 234 -15.61 -2.00 4.97
C VAL B 234 -15.75 -3.50 5.21
N ASP B 235 -14.96 -4.03 6.15
CA ASP B 235 -14.74 -5.47 6.21
C ASP B 235 -14.57 -6.07 7.60
N GLY B 236 -14.95 -5.34 8.61
CA GLY B 236 -14.90 -5.86 9.98
C GLY B 236 -13.51 -6.20 10.44
N GLY B 237 -12.50 -5.65 9.76
CA GLY B 237 -11.08 -5.92 10.10
C GLY B 237 -10.47 -7.10 9.39
N LEU B 238 -11.17 -7.67 8.41
CA LEU B 238 -10.72 -8.92 7.77
C LEU B 238 -9.33 -8.80 7.17
N THR B 239 -9.15 -7.79 6.34
CA THR B 239 -7.88 -7.62 5.65
C THR B 239 -6.77 -7.21 6.64
N ARG B 240 -5.51 -7.46 6.28
CA ARG B 240 -4.41 -7.32 7.19
C ARG B 240 -3.65 -5.99 7.10
N SER B 241 -3.69 -5.35 5.93
CA SER B 241 -2.91 -4.16 5.68
C SER B 241 -3.50 -2.94 6.35
N VAL B 242 -2.60 -2.10 6.89
CA VAL B 242 -3.02 -0.77 7.32
C VAL B 242 -3.56 -0.06 6.07
N HIS C 8 28.51 -30.40 -17.78
CA HIS C 8 27.45 -31.47 -17.54
C HIS C 8 27.20 -31.71 -16.04
N MET C 9 28.22 -31.50 -15.22
CA MET C 9 28.15 -31.80 -13.79
C MET C 9 27.32 -30.83 -12.94
N THR C 10 26.91 -29.72 -13.55
CA THR C 10 26.07 -28.74 -12.90
C THR C 10 24.96 -28.40 -13.88
N ILE C 11 23.75 -28.22 -13.38
CA ILE C 11 22.60 -27.93 -14.23
C ILE C 11 22.87 -26.66 -15.05
N GLN C 12 22.55 -26.74 -16.34
CA GLN C 12 22.55 -25.58 -17.24
C GLN C 12 21.16 -24.99 -17.16
N LYS C 13 21.00 -23.92 -16.39
CA LYS C 13 19.68 -23.35 -16.21
C LYS C 13 19.25 -22.64 -17.44
N VAL C 14 17.93 -22.52 -17.61
CA VAL C 14 17.33 -22.01 -18.84
C VAL C 14 16.36 -20.90 -18.53
N ALA C 15 16.45 -19.81 -19.29
CA ALA C 15 15.54 -18.68 -19.18
C ALA C 15 14.90 -18.33 -20.52
N ILE C 16 13.59 -18.15 -20.48
CA ILE C 16 12.82 -17.64 -21.61
C ILE C 16 12.52 -16.18 -21.35
N ILE C 17 12.78 -15.34 -22.37
CA ILE C 17 12.43 -13.92 -22.34
C ILE C 17 11.41 -13.55 -23.43
N THR C 18 10.20 -13.11 -23.03
CA THR C 18 9.18 -12.70 -24.03
C THR C 18 9.26 -11.19 -24.22
N ALA C 19 9.01 -10.76 -25.46
CA ALA C 19 9.34 -9.41 -25.93
C ALA C 19 10.78 -9.09 -25.55
N GLY C 20 11.70 -9.95 -26.01
CA GLY C 20 13.13 -9.88 -25.60
C GLY C 20 14.10 -9.30 -26.65
N GLY C 21 13.55 -8.63 -27.66
CA GLY C 21 14.32 -8.21 -28.82
C GLY C 21 14.93 -6.83 -28.72
N SER C 22 14.43 -6.03 -27.78
CA SER C 22 14.88 -4.65 -27.59
C SER C 22 14.64 -4.16 -26.15
N GLY C 23 15.11 -2.96 -25.84
CA GLY C 23 14.87 -2.35 -24.55
C GLY C 23 15.16 -3.22 -23.34
N MET C 24 14.26 -3.20 -22.36
CA MET C 24 14.50 -3.91 -21.10
C MET C 24 14.48 -5.44 -21.22
N GLY C 25 13.66 -5.97 -22.13
CA GLY C 25 13.71 -7.41 -22.42
C GLY C 25 15.06 -7.87 -22.98
N ALA C 26 15.57 -7.16 -23.96
CA ALA C 26 16.91 -7.47 -24.50
C ALA C 26 18.02 -7.34 -23.45
N ALA C 27 17.95 -6.30 -22.64
CA ALA C 27 18.90 -6.11 -21.52
C ALA C 27 18.86 -7.27 -20.53
N SER C 28 17.64 -7.73 -20.23
CA SER C 28 17.46 -8.87 -19.33
C SER C 28 18.06 -10.15 -19.95
N ALA C 29 17.82 -10.33 -21.25
CA ALA C 29 18.36 -11.51 -21.97
C ALA C 29 19.87 -11.54 -21.89
N ARG C 30 20.48 -10.40 -22.19
CA ARG C 30 21.93 -10.27 -22.17
C ARG C 30 22.49 -10.61 -20.80
N ARG C 31 21.83 -10.07 -19.76
CA ARG C 31 22.38 -10.23 -18.39
C ARG C 31 22.24 -11.68 -17.91
N LEU C 32 21.06 -12.25 -18.12
CA LEU C 32 20.87 -13.64 -17.78
C LEU C 32 21.86 -14.54 -18.53
N ALA C 33 22.15 -14.25 -19.78
CA ALA C 33 23.15 -15.05 -20.47
C ALA C 33 24.52 -14.90 -19.82
N GLN C 34 24.88 -13.67 -19.45
CA GLN C 34 26.13 -13.39 -18.81
C GLN C 34 26.22 -14.13 -17.48
N ASP C 35 25.08 -14.27 -16.79
CA ASP C 35 24.97 -15.02 -15.54
C ASP C 35 25.19 -16.53 -15.71
N GLY C 36 25.06 -17.01 -16.94
CA GLY C 36 25.29 -18.42 -17.26
C GLY C 36 24.05 -19.16 -17.73
N PHE C 37 22.91 -18.47 -17.85
CA PHE C 37 21.67 -19.09 -18.35
C PHE C 37 21.73 -19.31 -19.87
N ALA C 38 21.06 -20.39 -20.33
CA ALA C 38 20.75 -20.57 -21.74
C ALA C 38 19.47 -19.82 -22.00
N VAL C 39 19.45 -19.00 -23.06
CA VAL C 39 18.32 -18.08 -23.26
C VAL C 39 17.55 -18.42 -24.52
N ALA C 40 16.23 -18.31 -24.40
CA ALA C 40 15.29 -18.45 -25.48
C ALA C 40 14.48 -17.16 -25.56
N ILE C 41 14.44 -16.53 -26.72
CA ILE C 41 13.86 -15.18 -26.88
C ILE C 41 12.71 -15.15 -27.87
N LEU C 42 11.61 -14.53 -27.48
CA LEU C 42 10.50 -14.27 -28.39
C LEU C 42 10.42 -12.77 -28.65
N SER C 43 10.37 -12.43 -29.93
CA SER C 43 10.23 -11.05 -30.37
C SER C 43 9.48 -10.99 -31.69
N SER C 44 8.69 -9.93 -31.87
CA SER C 44 7.97 -9.71 -33.12
C SER C 44 8.88 -9.25 -34.26
N SER C 45 10.11 -8.87 -33.94
CA SER C 45 11.09 -8.52 -34.98
C SER C 45 12.27 -9.49 -34.99
N GLY C 46 13.00 -9.47 -36.10
CA GLY C 46 14.19 -10.29 -36.25
C GLY C 46 15.27 -10.04 -35.22
N LYS C 47 15.18 -8.93 -34.48
CA LYS C 47 16.10 -8.62 -33.38
C LYS C 47 16.23 -9.78 -32.37
N GLY C 48 15.09 -10.38 -32.03
CA GLY C 48 15.04 -11.51 -31.09
C GLY C 48 15.98 -12.65 -31.42
N GLU C 49 15.83 -13.21 -32.62
CA GLU C 49 16.71 -14.30 -33.07
C GLU C 49 18.19 -13.91 -33.21
N ALA C 50 18.47 -12.73 -33.73
CA ALA C 50 19.87 -12.29 -33.91
C ALA C 50 20.56 -12.23 -32.55
N LEU C 51 19.85 -11.67 -31.57
CA LEU C 51 20.35 -11.51 -30.21
C LEU C 51 20.55 -12.86 -29.58
N ALA C 52 19.58 -13.76 -29.74
CA ALA C 52 19.75 -15.10 -29.22
C ALA C 52 20.95 -15.83 -29.85
N LYS C 53 21.18 -15.64 -31.14
CA LYS C 53 22.36 -16.21 -31.79
C LYS C 53 23.60 -15.68 -31.11
N GLU C 54 23.67 -14.37 -30.97
CA GLU C 54 24.82 -13.74 -30.30
C GLU C 54 25.08 -14.33 -28.92
N LEU C 55 24.01 -14.66 -28.20
CA LEU C 55 24.10 -15.10 -26.80
C LEU C 55 24.19 -16.62 -26.67
N GLY C 56 24.28 -17.30 -27.80
CA GLY C 56 24.39 -18.76 -27.85
C GLY C 56 23.11 -19.51 -27.52
N GLY C 57 21.97 -18.84 -27.70
CA GLY C 57 20.65 -19.37 -27.32
C GLY C 57 19.77 -19.65 -28.53
N ILE C 58 18.46 -19.62 -28.32
CA ILE C 58 17.49 -19.81 -29.42
C ILE C 58 16.45 -18.70 -29.43
N GLY C 59 15.80 -18.53 -30.57
CA GLY C 59 14.84 -17.45 -30.71
C GLY C 59 13.71 -17.78 -31.63
N VAL C 60 12.55 -17.19 -31.36
CA VAL C 60 11.41 -17.30 -32.24
C VAL C 60 10.96 -15.90 -32.59
N THR C 61 10.61 -15.72 -33.86
CA THR C 61 10.02 -14.49 -34.31
C THR C 61 8.52 -14.73 -34.31
N GLY C 62 7.83 -13.98 -33.46
CA GLY C 62 6.39 -14.05 -33.37
C GLY C 62 5.81 -13.12 -32.34
N SER C 63 4.53 -13.32 -32.04
CA SER C 63 3.79 -12.42 -31.17
C SER C 63 3.65 -12.95 -29.75
N ASN C 64 3.90 -12.09 -28.76
CA ASN C 64 3.64 -12.40 -27.32
C ASN C 64 2.14 -12.31 -26.92
N GLN C 65 1.28 -12.14 -27.93
CA GLN C 65 -0.16 -12.24 -27.80
C GLN C 65 -0.72 -13.51 -28.47
N SER C 66 0.16 -14.34 -29.04
CA SER C 66 -0.26 -15.55 -29.76
C SER C 66 0.10 -16.85 -29.01
N ASN C 67 -0.92 -17.59 -28.56
CA ASN C 67 -0.70 -18.88 -27.91
C ASN C 67 0.17 -19.82 -28.77
N ASP C 68 -0.06 -19.80 -30.07
CA ASP C 68 0.68 -20.66 -31.01
C ASP C 68 2.19 -20.38 -31.01
N ASP C 69 2.54 -19.11 -31.18
CA ASP C 69 3.95 -18.70 -31.20
C ASP C 69 4.67 -18.94 -29.87
N LEU C 70 3.98 -18.65 -28.76
CA LEU C 70 4.52 -18.94 -27.43
C LEU C 70 4.72 -20.42 -27.23
N GLN C 71 3.78 -21.22 -27.71
CA GLN C 71 3.89 -22.67 -27.55
C GLN C 71 5.09 -23.18 -28.36
N LYS C 72 5.34 -22.61 -29.52
CA LYS C 72 6.51 -23.00 -30.33
C LYS C 72 7.81 -22.71 -29.59
N LEU C 73 7.94 -21.53 -28.97
CA LEU C 73 9.16 -21.23 -28.21
C LEU C 73 9.31 -22.20 -27.06
N VAL C 74 8.23 -22.44 -26.33
CA VAL C 74 8.32 -23.30 -25.16
C VAL C 74 8.74 -24.70 -25.56
N ASP C 75 8.08 -25.24 -26.59
CA ASP C 75 8.42 -26.58 -27.12
C ASP C 75 9.87 -26.69 -27.56
N GLN C 76 10.35 -25.69 -28.31
CA GLN C 76 11.74 -25.70 -28.80
C GLN C 76 12.75 -25.63 -27.63
N THR C 77 12.36 -24.90 -26.58
CA THR C 77 13.17 -24.75 -25.40
C THR C 77 13.30 -26.07 -24.67
N LEU C 78 12.16 -26.70 -24.41
CA LEU C 78 12.16 -27.99 -23.75
C LEU C 78 12.82 -29.08 -24.61
N GLU C 79 12.52 -29.07 -25.91
CA GLU C 79 13.26 -29.95 -26.86
C GLU C 79 14.77 -29.83 -26.70
N LYS C 80 15.29 -28.61 -26.63
CA LYS C 80 16.74 -28.39 -26.58
C LYS C 80 17.41 -28.67 -25.23
N TRP C 81 16.84 -28.12 -24.16
CA TRP C 81 17.51 -28.11 -22.85
C TRP C 81 16.77 -28.89 -21.79
N GLY C 82 15.54 -29.32 -22.08
CA GLY C 82 14.80 -30.16 -21.16
C GLY C 82 14.23 -29.48 -19.93
N ARG C 83 14.39 -28.16 -19.79
CA ARG C 83 13.92 -27.44 -18.59
C ARG C 83 13.67 -25.97 -18.84
N ILE C 84 12.83 -25.37 -18.00
CA ILE C 84 12.60 -23.90 -17.98
C ILE C 84 12.70 -23.46 -16.53
N ASP C 85 13.78 -22.75 -16.19
CA ASP C 85 13.97 -22.29 -14.81
C ASP C 85 13.42 -20.88 -14.56
N VAL C 86 13.51 -20.03 -15.59
CA VAL C 86 13.18 -18.61 -15.50
C VAL C 86 12.36 -18.16 -16.72
N LEU C 87 11.27 -17.45 -16.46
CA LEU C 87 10.52 -16.75 -17.49
C LEU C 87 10.50 -15.26 -17.15
N VAL C 88 10.96 -14.43 -18.09
CA VAL C 88 10.87 -12.97 -17.94
C VAL C 88 9.92 -12.46 -19.01
N ASN C 89 8.89 -11.72 -18.60
CA ASN C 89 7.93 -11.17 -19.54
C ASN C 89 8.06 -9.66 -19.59
N SER C 90 8.54 -9.14 -20.72
CA SER C 90 8.51 -7.70 -20.94
C SER C 90 7.19 -7.42 -21.69
N ALA C 91 6.99 -6.23 -22.22
CA ALA C 91 5.72 -5.84 -22.85
C ALA C 91 6.01 -4.83 -23.95
N GLY C 92 5.07 -4.71 -24.88
CA GLY C 92 5.10 -3.63 -25.83
C GLY C 92 4.39 -2.44 -25.23
N HIS C 93 3.64 -1.75 -26.07
CA HIS C 93 3.04 -0.47 -25.71
C HIS C 93 1.58 -0.50 -26.05
N GLY C 94 0.77 -0.06 -25.08
CA GLY C 94 -0.67 -0.07 -25.18
C GLY C 94 -1.24 1.32 -25.31
N PRO C 95 -2.56 1.39 -25.48
CA PRO C 95 -3.25 2.65 -25.62
C PRO C 95 -2.97 3.72 -24.56
N ARG C 96 -2.87 4.96 -25.05
CA ARG C 96 -2.77 6.15 -24.23
C ARG C 96 -3.75 7.19 -24.75
N ALA C 97 -4.60 7.70 -23.87
CA ALA C 97 -5.59 8.72 -24.20
C ALA C 97 -6.22 9.23 -22.91
N PRO C 98 -6.91 10.37 -22.95
CA PRO C 98 -7.70 10.76 -21.80
C PRO C 98 -8.61 9.61 -21.33
N ILE C 99 -8.79 9.56 -20.00
CA ILE C 99 -9.26 8.38 -19.32
C ILE C 99 -10.65 7.91 -19.76
N LEU C 100 -11.55 8.81 -20.08
CA LEU C 100 -12.87 8.41 -20.60
C LEU C 100 -12.90 8.25 -22.12
N GLU C 101 -11.82 8.61 -22.81
CA GLU C 101 -11.74 8.49 -24.28
C GLU C 101 -11.22 7.14 -24.75
N ILE C 102 -10.63 6.39 -23.83
CA ILE C 102 -10.16 5.02 -24.11
C ILE C 102 -11.41 4.16 -24.34
N THR C 103 -11.51 3.58 -25.54
CA THR C 103 -12.73 2.85 -25.89
C THR C 103 -12.73 1.48 -25.22
N ASP C 104 -13.89 0.82 -25.19
CA ASP C 104 -13.93 -0.57 -24.68
C ASP C 104 -12.90 -1.41 -25.41
N GLU C 105 -12.85 -1.28 -26.74
CA GLU C 105 -11.85 -2.02 -27.52
C GLU C 105 -10.42 -1.77 -27.08
N ASP C 106 -10.08 -0.50 -26.82
CA ASP C 106 -8.72 -0.09 -26.37
C ASP C 106 -8.45 -0.73 -25.00
N TRP C 107 -9.47 -0.81 -24.12
CA TRP C 107 -9.25 -1.46 -22.80
C TRP C 107 -8.90 -2.96 -22.99
N HIS C 108 -9.66 -3.64 -23.83
CA HIS C 108 -9.38 -5.06 -24.16
C HIS C 108 -7.99 -5.23 -24.77
N LYS C 109 -7.60 -4.36 -25.69
CA LYS C 109 -6.24 -4.40 -26.24
C LYS C 109 -5.19 -4.19 -25.18
N GLY C 110 -5.46 -3.25 -24.26
CA GLY C 110 -4.52 -2.99 -23.16
C GLY C 110 -4.32 -4.22 -22.29
N MET C 111 -5.42 -4.94 -22.05
CA MET C 111 -5.35 -6.17 -21.27
C MET C 111 -4.46 -7.22 -21.95
N ASP C 112 -4.58 -7.34 -23.28
CA ASP C 112 -3.72 -8.29 -24.03
C ASP C 112 -2.26 -7.87 -23.94
N THR C 113 -2.02 -6.57 -23.98
CA THR C 113 -0.66 -6.04 -24.02
C THR C 113 0.05 -6.11 -22.67
N TYR C 114 -0.69 -5.81 -21.61
CA TYR C 114 -0.08 -5.61 -20.28
C TYR C 114 -0.40 -6.64 -19.21
N PHE C 115 -1.39 -7.51 -19.48
CA PHE C 115 -1.82 -8.50 -18.48
C PHE C 115 -1.65 -9.93 -19.05
N LEU C 116 -2.30 -10.23 -20.17
CA LEU C 116 -2.21 -11.58 -20.76
C LEU C 116 -0.85 -11.88 -21.39
N ASN C 117 -0.04 -10.85 -21.66
CA ASN C 117 1.38 -11.05 -22.06
C ASN C 117 2.19 -11.78 -21.02
N ALA C 118 1.84 -11.63 -19.75
CA ALA C 118 2.44 -12.41 -18.67
C ALA C 118 1.71 -13.72 -18.39
N VAL C 119 0.40 -13.66 -18.35
CA VAL C 119 -0.37 -14.82 -18.00
C VAL C 119 -0.19 -15.94 -19.04
N ARG C 120 -0.22 -15.59 -20.32
CA ARG C 120 -0.22 -16.64 -21.35
C ARG C 120 1.02 -17.54 -21.25
N PRO C 121 2.22 -16.96 -21.22
CA PRO C 121 3.40 -17.83 -21.12
C PRO C 121 3.55 -18.49 -19.75
N ALA C 122 3.04 -17.84 -18.69
CA ALA C 122 3.07 -18.45 -17.36
C ALA C 122 2.40 -19.80 -17.42
N ARG C 123 1.23 -19.86 -18.05
CA ARG C 123 0.53 -21.11 -18.16
C ARG C 123 1.37 -22.22 -18.81
N LEU C 124 2.15 -21.84 -19.81
CA LEU C 124 2.90 -22.78 -20.61
C LEU C 124 4.21 -23.25 -19.98
N VAL C 125 4.80 -22.49 -19.06
CA VAL C 125 6.08 -22.88 -18.43
C VAL C 125 5.90 -23.61 -17.09
N VAL C 126 4.73 -23.47 -16.47
CA VAL C 126 4.53 -23.99 -15.11
C VAL C 126 4.64 -25.52 -14.99
N PRO C 127 4.06 -26.28 -15.93
CA PRO C 127 4.26 -27.74 -15.85
C PRO C 127 5.74 -28.19 -15.74
N ALA C 128 6.62 -27.67 -16.57
CA ALA C 128 8.05 -27.98 -16.42
C ALA C 128 8.56 -27.53 -15.04
N MET C 129 8.13 -26.35 -14.57
CA MET C 129 8.57 -25.88 -13.28
C MET C 129 8.08 -26.79 -12.15
N GLN C 130 6.87 -27.33 -12.31
CA GLN C 130 6.31 -28.25 -11.33
C GLN C 130 7.08 -29.57 -11.29
N LYS C 131 7.44 -30.08 -12.47
CA LYS C 131 8.25 -31.29 -12.55
C LYS C 131 9.59 -31.05 -11.86
N GLN C 132 10.13 -29.85 -12.04
CA GLN C 132 11.42 -29.43 -11.49
C GLN C 132 11.36 -29.15 -9.98
N LYS C 133 10.17 -28.96 -9.43
CA LYS C 133 9.96 -28.34 -8.12
C LYS C 133 10.82 -27.07 -7.94
N SER C 134 10.85 -26.20 -8.97
CA SER C 134 11.68 -24.99 -8.94
C SER C 134 11.36 -24.14 -10.16
N GLY C 135 11.14 -22.84 -9.95
CA GLY C 135 10.90 -21.92 -11.08
C GLY C 135 10.66 -20.51 -10.63
N VAL C 136 10.96 -19.56 -11.52
CA VAL C 136 10.83 -18.14 -11.27
C VAL C 136 10.21 -17.51 -12.50
N ILE C 137 9.20 -16.69 -12.26
CA ILE C 137 8.60 -15.88 -13.30
C ILE C 137 8.70 -14.43 -12.87
N ILE C 138 9.25 -13.58 -13.74
CA ILE C 138 9.48 -12.16 -13.43
C ILE C 138 8.82 -11.32 -14.52
N ASN C 139 7.87 -10.47 -14.15
CA ASN C 139 7.20 -9.62 -15.10
C ASN C 139 7.72 -8.19 -14.98
N ILE C 140 8.04 -7.56 -16.12
CA ILE C 140 8.38 -6.16 -16.13
C ILE C 140 7.07 -5.36 -16.17
N SER C 141 6.81 -4.63 -15.11
CA SER C 141 5.53 -3.94 -14.90
C SER C 141 5.84 -2.43 -15.02
N THR C 142 5.34 -1.59 -14.11
CA THR C 142 5.55 -0.18 -14.13
C THR C 142 5.49 0.45 -12.72
N ALA C 143 6.35 1.43 -12.44
CA ALA C 143 6.31 2.11 -11.14
C ALA C 143 5.02 2.83 -10.91
N TRP C 144 4.28 3.13 -11.97
CA TRP C 144 3.02 3.87 -11.87
C TRP C 144 1.82 2.95 -11.56
N ALA C 145 2.05 1.66 -11.31
CA ALA C 145 0.93 0.70 -11.17
C ALA C 145 -0.08 1.16 -10.10
N PHE C 146 0.43 1.60 -8.95
CA PHE C 146 -0.40 1.99 -7.80
C PHE C 146 -0.37 3.48 -7.56
N GLU C 147 0.42 4.21 -8.35
CA GLU C 147 0.40 5.67 -8.36
C GLU C 147 0.24 6.12 -9.80
N PRO C 148 -0.96 5.87 -10.36
CA PRO C 148 -1.13 5.97 -11.80
C PRO C 148 -1.19 7.39 -12.24
N SER C 149 -0.78 7.60 -13.49
CA SER C 149 -0.78 8.90 -14.09
C SER C 149 -1.66 8.86 -15.39
N ALA C 150 -2.18 10.02 -15.77
CA ALA C 150 -2.95 10.10 -17.00
C ALA C 150 -2.10 9.77 -18.22
N MET C 151 -0.77 9.84 -18.11
CA MET C 151 0.15 9.53 -19.23
C MET C 151 0.01 8.09 -19.76
N PHE C 152 -0.12 7.13 -18.82
CA PHE C 152 -0.05 5.70 -19.15
C PHE C 152 -1.24 4.94 -18.52
N PRO C 153 -2.46 5.19 -19.00
CA PRO C 153 -3.64 4.65 -18.32
C PRO C 153 -3.82 3.13 -18.47
N THR C 154 -3.67 2.55 -19.67
CA THR C 154 -3.87 1.09 -19.75
C THR C 154 -2.72 0.34 -19.07
N SER C 155 -1.53 0.93 -19.17
CA SER C 155 -0.39 0.33 -18.53
C SER C 155 -0.60 0.20 -17.04
N ALA C 156 -0.99 1.29 -16.39
CA ALA C 156 -1.15 1.27 -14.94
C ALA C 156 -2.32 0.37 -14.53
N VAL C 157 -3.46 0.50 -15.21
CA VAL C 157 -4.63 -0.30 -14.86
C VAL C 157 -4.30 -1.80 -14.88
N PHE C 158 -3.72 -2.27 -15.96
CA PHE C 158 -3.53 -3.71 -16.10
C PHE C 158 -2.32 -4.26 -15.37
N ARG C 159 -1.34 -3.39 -15.10
CA ARG C 159 -0.24 -3.78 -14.24
C ARG C 159 -0.61 -3.80 -12.75
N ALA C 160 -1.61 -3.00 -12.34
CA ALA C 160 -2.17 -3.18 -10.99
C ALA C 160 -2.91 -4.53 -10.91
N GLY C 161 -3.69 -4.82 -11.96
CA GLY C 161 -4.32 -6.14 -12.16
C GLY C 161 -3.30 -7.27 -12.11
N LEU C 162 -2.17 -7.09 -12.76
CA LEU C 162 -1.10 -8.08 -12.79
C LEU C 162 -0.56 -8.36 -11.41
N ALA C 163 -0.44 -7.33 -10.60
CA ALA C 163 -0.01 -7.54 -9.23
C ALA C 163 -0.96 -8.50 -8.47
N SER C 164 -2.26 -8.32 -8.65
CA SER C 164 -3.19 -9.19 -7.93
C SER C 164 -3.15 -10.64 -8.45
N PHE C 165 -3.04 -10.79 -9.78
CA PHE C 165 -2.79 -12.07 -10.40
C PHE C 165 -1.51 -12.71 -9.85
N THR C 166 -0.44 -11.92 -9.77
CA THR C 166 0.85 -12.38 -9.25
C THR C 166 0.75 -12.93 -7.84
N LYS C 167 0.00 -12.24 -6.97
CA LYS C 167 -0.17 -12.69 -5.58
C LYS C 167 -0.96 -14.00 -5.50
N ILE C 168 -2.03 -14.10 -6.28
CA ILE C 168 -2.76 -15.36 -6.33
C ILE C 168 -1.89 -16.50 -6.84
N PHE C 169 -1.18 -16.23 -7.93
CA PHE C 169 -0.25 -17.22 -8.46
C PHE C 169 0.78 -17.66 -7.39
N ALA C 170 1.34 -16.68 -6.71
CA ALA C 170 2.41 -16.94 -5.78
C ALA C 170 1.89 -17.81 -4.64
N ASP C 171 0.66 -17.54 -4.18
CA ASP C 171 0.09 -18.37 -3.12
C ASP C 171 -0.23 -19.76 -3.62
N THR C 172 -0.65 -19.86 -4.88
CA THR C 172 -1.04 -21.13 -5.44
C THR C 172 0.15 -22.07 -5.64
N TYR C 173 1.30 -21.53 -6.01
CA TYR C 173 2.44 -22.34 -6.43
C TYR C 173 3.63 -22.33 -5.46
N ALA C 174 3.52 -21.56 -4.38
CA ALA C 174 4.62 -21.41 -3.41
C ALA C 174 5.13 -22.76 -2.86
N ALA C 175 4.21 -23.68 -2.55
CA ALA C 175 4.57 -24.98 -2.00
C ALA C 175 5.36 -25.84 -2.97
N GLU C 176 5.29 -25.53 -4.27
CA GLU C 176 6.06 -26.23 -5.31
C GLU C 176 7.34 -25.50 -5.63
N ASN C 177 7.68 -24.52 -4.80
CA ASN C 177 8.90 -23.73 -4.92
C ASN C 177 8.96 -22.95 -6.26
N ILE C 178 7.80 -22.50 -6.69
CA ILE C 178 7.70 -21.71 -7.90
C ILE C 178 7.29 -20.33 -7.48
N ARG C 179 8.06 -19.32 -7.86
CA ARG C 179 7.87 -17.94 -7.40
C ARG C 179 7.56 -17.00 -8.57
N MET C 180 6.81 -15.93 -8.28
CA MET C 180 6.57 -14.88 -9.26
C MET C 180 6.66 -13.51 -8.59
N ASN C 181 7.36 -12.60 -9.26
CA ASN C 181 7.60 -11.24 -8.77
C ASN C 181 7.58 -10.26 -9.95
N ASN C 182 7.28 -9.00 -9.68
CA ASN C 182 7.22 -7.94 -10.68
C ASN C 182 8.26 -6.91 -10.39
N VAL C 183 8.95 -6.47 -11.44
CA VAL C 183 9.85 -5.34 -11.35
C VAL C 183 9.11 -4.13 -11.97
N LEU C 184 9.09 -3.02 -11.23
CA LEU C 184 8.30 -1.84 -11.55
C LEU C 184 9.21 -0.65 -11.88
N PRO C 185 9.64 -0.53 -13.15
CA PRO C 185 10.58 0.53 -13.54
C PRO C 185 9.94 1.88 -13.59
N GLY C 186 10.69 2.91 -13.22
CA GLY C 186 10.32 4.26 -13.54
C GLY C 186 10.76 4.68 -14.94
N TRP C 187 11.36 5.86 -15.04
CA TRP C 187 11.85 6.36 -16.31
C TRP C 187 13.18 5.64 -16.62
N ILE C 188 13.19 4.82 -17.68
CA ILE C 188 14.35 4.03 -18.08
C ILE C 188 14.84 4.47 -19.45
N ASP C 189 16.16 4.39 -19.64
CA ASP C 189 16.80 4.86 -20.83
C ASP C 189 16.59 3.94 -22.06
N SER C 190 15.64 3.00 -21.98
CA SER C 190 15.20 2.24 -23.15
C SER C 190 14.38 3.09 -24.15
N LEU C 191 13.87 4.24 -23.71
CA LEU C 191 13.13 5.14 -24.60
C LEU C 191 13.82 6.49 -24.53
N PRO C 192 13.58 7.36 -25.52
CA PRO C 192 14.22 8.68 -25.51
C PRO C 192 13.86 9.48 -24.26
N THR C 193 14.83 10.19 -23.71
CA THR C 193 14.65 10.94 -22.48
C THR C 193 14.11 12.36 -22.74
N THR C 194 13.44 12.96 -21.76
CA THR C 194 13.18 14.38 -21.77
C THR C 194 13.72 14.98 -20.47
N GLU C 195 14.08 16.26 -20.53
CA GLU C 195 14.53 16.95 -19.32
C GLU C 195 13.46 17.05 -18.24
N GLU C 196 12.22 17.28 -18.65
CA GLU C 196 11.16 17.41 -17.68
C GLU C 196 11.01 16.12 -16.85
N ARG C 197 11.08 14.98 -17.54
CA ARG C 197 10.95 13.69 -16.87
C ARG C 197 12.18 13.44 -16.03
N ARG C 198 13.37 13.71 -16.58
CA ARG C 198 14.59 13.51 -15.81
C ARG C 198 14.61 14.29 -14.49
N GLU C 199 14.24 15.56 -14.55
CA GLU C 199 14.28 16.41 -13.37
C GLU C 199 13.16 16.10 -12.36
N SER C 200 12.12 15.39 -12.77
CA SER C 200 11.11 14.90 -11.83
C SER C 200 11.58 13.77 -10.93
N VAL C 201 12.68 13.11 -11.28
CA VAL C 201 13.16 11.99 -10.52
C VAL C 201 14.09 12.51 -9.41
N PRO C 202 13.88 12.10 -8.16
CA PRO C 202 14.74 12.60 -7.12
C PRO C 202 16.25 12.37 -7.39
N MET C 203 16.60 11.19 -7.92
CA MET C 203 18.00 10.90 -8.31
C MET C 203 18.49 11.65 -9.57
N GLN C 204 17.61 12.42 -10.21
CA GLN C 204 17.98 13.38 -11.28
C GLN C 204 18.59 12.71 -12.52
N ARG C 205 18.18 11.47 -12.75
CA ARG C 205 18.62 10.72 -13.91
C ARG C 205 17.60 9.65 -14.20
N TYR C 206 17.61 9.21 -15.45
CA TYR C 206 16.90 7.99 -15.84
C TYR C 206 17.65 6.78 -15.32
N GLY C 207 16.91 5.69 -15.16
CA GLY C 207 17.49 4.39 -14.85
C GLY C 207 18.05 3.79 -16.13
N LYS C 208 19.06 2.96 -15.97
CA LYS C 208 19.62 2.22 -17.11
C LYS C 208 18.85 0.95 -17.33
N SER C 209 18.70 0.52 -18.58
CA SER C 209 18.10 -0.80 -18.86
CA SER C 209 18.08 -0.80 -18.85
C SER C 209 18.88 -1.91 -18.12
N GLU C 210 20.20 -1.72 -18.04
CA GLU C 210 21.08 -2.62 -17.31
C GLU C 210 20.77 -2.71 -15.80
N GLU C 211 20.23 -1.63 -15.22
CA GLU C 211 19.80 -1.65 -13.79
C GLU C 211 18.52 -2.43 -13.58
N ILE C 212 17.61 -2.33 -14.55
CA ILE C 212 16.44 -3.21 -14.57
C ILE C 212 16.86 -4.68 -14.76
N ALA C 213 17.76 -4.93 -15.71
CA ALA C 213 18.27 -6.29 -15.91
C ALA C 213 18.97 -6.81 -14.66
N ALA C 214 19.70 -5.96 -13.94
CA ALA C 214 20.37 -6.37 -12.69
C ALA C 214 19.36 -6.83 -11.63
N THR C 215 18.22 -6.17 -11.59
CA THR C 215 17.14 -6.53 -10.66
C THR C 215 16.52 -7.85 -11.07
N VAL C 216 16.29 -8.02 -12.37
CA VAL C 216 15.84 -9.30 -12.92
C VAL C 216 16.85 -10.41 -12.58
N SER C 217 18.14 -10.14 -12.76
CA SER C 217 19.18 -11.14 -12.41
C SER C 217 19.09 -11.56 -10.94
N PHE C 218 18.99 -10.59 -10.04
CA PHE C 218 18.88 -10.92 -8.61
C PHE C 218 17.66 -11.84 -8.38
N LEU C 219 16.52 -11.45 -8.94
CA LEU C 219 15.28 -12.21 -8.71
C LEU C 219 15.31 -13.60 -9.35
N ALA C 220 16.17 -13.79 -10.33
CA ALA C 220 16.35 -15.10 -10.96
C ALA C 220 17.37 -15.94 -10.23
N SER C 221 18.04 -15.37 -9.21
CA SER C 221 19.13 -16.06 -8.52
C SER C 221 18.65 -16.82 -7.26
N ASP C 222 19.46 -17.80 -6.83
CA ASP C 222 19.13 -18.55 -5.62
C ASP C 222 18.97 -17.68 -4.39
N GLY C 223 19.76 -16.61 -4.34
CA GLY C 223 19.70 -15.67 -3.23
C GLY C 223 18.33 -15.05 -2.96
N ALA C 224 17.55 -14.84 -4.01
CA ALA C 224 16.23 -14.27 -3.93
C ALA C 224 15.10 -15.30 -3.78
N ALA C 225 15.44 -16.56 -3.50
CA ALA C 225 14.48 -17.65 -3.45
C ALA C 225 13.33 -17.49 -2.48
N TYR C 226 13.51 -16.75 -1.38
CA TYR C 226 12.42 -16.52 -0.42
C TYR C 226 11.56 -15.30 -0.73
N ILE C 227 11.74 -14.68 -1.89
CA ILE C 227 10.92 -13.53 -2.29
C ILE C 227 9.84 -14.06 -3.24
N THR C 228 8.57 -13.87 -2.87
CA THR C 228 7.56 -14.18 -3.86
C THR C 228 6.33 -13.30 -3.69
N GLY C 229 5.67 -13.01 -4.80
CA GLY C 229 4.45 -12.23 -4.82
C GLY C 229 4.65 -10.72 -4.73
N GLN C 230 5.89 -10.26 -4.89
CA GLN C 230 6.24 -8.86 -4.65
C GLN C 230 6.26 -7.99 -5.92
N ASN C 231 6.13 -6.67 -5.70
CA ASN C 231 6.22 -5.61 -6.68
C ASN C 231 7.32 -4.64 -6.25
N LEU C 232 8.47 -4.71 -6.92
CA LEU C 232 9.67 -3.94 -6.52
C LEU C 232 9.89 -2.77 -7.46
N ARG C 233 9.71 -1.56 -6.93
CA ARG C 233 9.85 -0.36 -7.72
C ARG C 233 11.33 0.02 -7.86
N VAL C 234 11.75 0.28 -9.10
CA VAL C 234 13.12 0.64 -9.44
C VAL C 234 12.99 1.93 -10.22
N ASP C 235 13.02 3.04 -9.50
CA ASP C 235 12.54 4.32 -10.03
C ASP C 235 13.27 5.57 -9.60
N GLY C 236 14.45 5.42 -9.00
CA GLY C 236 15.20 6.58 -8.58
C GLY C 236 14.50 7.45 -7.55
N GLY C 237 13.51 6.87 -6.87
CA GLY C 237 12.73 7.55 -5.85
C GLY C 237 11.51 8.30 -6.36
N LEU C 238 11.15 8.13 -7.63
CA LEU C 238 10.09 8.92 -8.26
C LEU C 238 8.75 8.81 -7.52
N THR C 239 8.31 7.59 -7.32
CA THR C 239 7.02 7.34 -6.65
C THR C 239 7.07 7.78 -5.16
N ARG C 240 5.90 8.13 -4.62
CA ARG C 240 5.76 8.76 -3.30
C ARG C 240 5.51 7.84 -2.11
N SER C 241 4.87 6.71 -2.37
CA SER C 241 4.49 5.80 -1.33
C SER C 241 5.65 5.02 -0.73
N VAL C 242 5.61 4.84 0.59
CA VAL C 242 6.53 3.87 1.20
C VAL C 242 6.26 2.46 0.64
N ILE D 11 40.60 2.24 -4.39
CA ILE D 11 39.63 1.97 -3.29
C ILE D 11 39.00 0.56 -3.25
N GLN D 12 39.23 -0.10 -2.12
CA GLN D 12 38.31 -1.16 -1.67
C GLN D 12 37.10 -0.46 -1.00
N LYS D 13 35.90 -0.93 -1.33
CA LYS D 13 34.71 -0.37 -0.74
C LYS D 13 34.51 -0.87 0.68
N VAL D 14 33.80 -0.09 1.46
CA VAL D 14 33.70 -0.28 2.91
C VAL D 14 32.25 -0.39 3.37
N ALA D 15 31.98 -1.37 4.24
CA ALA D 15 30.64 -1.59 4.81
C ALA D 15 30.70 -1.57 6.32
N ILE D 16 29.86 -0.75 6.93
CA ILE D 16 29.67 -0.82 8.39
C ILE D 16 28.37 -1.60 8.67
N ILE D 17 28.43 -2.53 9.62
CA ILE D 17 27.24 -3.27 10.04
C ILE D 17 27.02 -3.09 11.54
N THR D 18 25.90 -2.45 11.91
CA THR D 18 25.51 -2.33 13.31
C THR D 18 24.62 -3.52 13.68
N ALA D 19 24.81 -3.97 14.92
CA ALA D 19 24.23 -5.19 15.47
C ALA D 19 24.67 -6.35 14.59
N GLY D 20 25.97 -6.40 14.34
CA GLY D 20 26.52 -7.34 13.36
C GLY D 20 27.17 -8.56 13.93
N GLY D 21 26.94 -8.82 15.23
CA GLY D 21 27.59 -9.93 15.89
C GLY D 21 26.78 -11.21 15.92
N SER D 22 25.52 -11.17 15.49
CA SER D 22 24.74 -12.38 15.42
C SER D 22 23.61 -12.22 14.41
N GLY D 23 22.90 -13.32 14.18
CA GLY D 23 21.72 -13.32 13.33
C GLY D 23 21.92 -12.74 11.95
N MET D 24 20.96 -11.92 11.57
CA MET D 24 20.94 -11.32 10.24
C MET D 24 22.05 -10.27 10.02
N GLY D 25 22.49 -9.63 11.12
CA GLY D 25 23.61 -8.69 11.04
C GLY D 25 24.88 -9.43 10.69
N ALA D 26 25.09 -10.54 11.40
CA ALA D 26 26.30 -11.35 11.19
C ALA D 26 26.29 -11.99 9.79
N ALA D 27 25.13 -12.50 9.38
CA ALA D 27 25.02 -13.07 8.03
C ALA D 27 25.33 -12.00 6.97
N SER D 28 24.86 -10.77 7.19
CA SER D 28 25.08 -9.66 6.24
C SER D 28 26.56 -9.29 6.17
N ALA D 29 27.20 -9.17 7.34
CA ALA D 29 28.62 -8.90 7.40
C ALA D 29 29.45 -9.97 6.69
N ARG D 30 29.10 -11.23 6.89
CA ARG D 30 29.82 -12.30 6.20
C ARG D 30 29.68 -12.20 4.67
N ARG D 31 28.46 -11.96 4.21
CA ARG D 31 28.21 -11.90 2.77
C ARG D 31 28.89 -10.70 2.14
N LEU D 32 28.80 -9.54 2.79
CA LEU D 32 29.45 -8.34 2.26
C LEU D 32 30.99 -8.47 2.24
N ALA D 33 31.57 -9.12 3.25
CA ALA D 33 33.03 -9.45 3.20
C ALA D 33 33.33 -10.37 2.01
N GLN D 34 32.51 -11.42 1.82
CA GLN D 34 32.65 -12.31 0.69
C GLN D 34 32.56 -11.57 -0.65
N ASP D 35 31.67 -10.58 -0.72
CA ASP D 35 31.53 -9.77 -1.91
C ASP D 35 32.75 -8.89 -2.16
N GLY D 36 33.57 -8.67 -1.13
CA GLY D 36 34.80 -7.91 -1.30
C GLY D 36 34.87 -6.63 -0.52
N PHE D 37 33.85 -6.31 0.30
CA PHE D 37 33.87 -5.09 1.12
C PHE D 37 34.80 -5.34 2.30
N ALA D 38 35.49 -4.27 2.74
CA ALA D 38 36.12 -4.23 4.04
C ALA D 38 35.01 -4.00 5.02
N VAL D 39 34.99 -4.75 6.12
CA VAL D 39 33.88 -4.62 7.08
C VAL D 39 34.26 -4.05 8.45
N ALA D 40 33.37 -3.22 8.98
CA ALA D 40 33.46 -2.73 10.35
C ALA D 40 32.18 -3.11 11.08
N ILE D 41 32.33 -3.74 12.24
CA ILE D 41 31.16 -4.29 12.93
C ILE D 41 31.01 -3.70 14.32
N LEU D 42 29.77 -3.34 14.65
CA LEU D 42 29.38 -2.94 16.00
C LEU D 42 28.47 -4.01 16.58
N SER D 43 28.78 -4.37 17.82
CA SER D 43 28.01 -5.38 18.57
C SER D 43 28.17 -5.12 20.06
N SER D 44 27.10 -5.31 20.86
CA SER D 44 27.19 -5.19 22.32
C SER D 44 27.70 -6.47 22.96
N SER D 45 27.77 -7.50 22.13
CA SER D 45 28.42 -8.77 22.46
C SER D 45 29.90 -8.76 21.98
N GLY D 46 30.68 -9.67 22.53
CA GLY D 46 32.05 -9.87 22.02
C GLY D 46 32.08 -10.52 20.65
N LYS D 47 30.99 -11.19 20.25
CA LYS D 47 30.93 -11.93 18.99
C LYS D 47 31.27 -11.05 17.77
N GLY D 48 30.82 -9.79 17.81
CA GLY D 48 31.08 -8.82 16.77
C GLY D 48 32.55 -8.68 16.46
N GLU D 49 33.36 -8.56 17.50
CA GLU D 49 34.80 -8.35 17.29
C GLU D 49 35.48 -9.61 16.81
N ALA D 50 35.07 -10.77 17.33
CA ALA D 50 35.59 -12.04 16.85
C ALA D 50 35.32 -12.17 15.35
N LEU D 51 34.09 -11.88 14.95
CA LEU D 51 33.71 -11.97 13.54
C LEU D 51 34.47 -11.00 12.64
N ALA D 52 34.53 -9.74 13.04
CA ALA D 52 35.30 -8.74 12.28
C ALA D 52 36.75 -9.23 12.10
N LYS D 53 37.31 -9.75 13.18
CA LYS D 53 38.65 -10.35 13.14
C LYS D 53 38.70 -11.45 12.05
N GLU D 54 37.77 -12.40 12.12
CA GLU D 54 37.74 -13.50 11.16
C GLU D 54 37.59 -13.03 9.69
N LEU D 55 36.78 -11.99 9.47
CA LEU D 55 36.58 -11.42 8.13
C LEU D 55 37.65 -10.40 7.68
N GLY D 56 38.67 -10.19 8.50
CA GLY D 56 39.76 -9.26 8.17
C GLY D 56 39.45 -7.77 8.33
N GLY D 57 38.39 -7.43 9.05
CA GLY D 57 37.98 -6.04 9.21
C GLY D 57 38.21 -5.57 10.62
N ILE D 58 37.37 -4.65 11.08
CA ILE D 58 37.48 -4.07 12.41
C ILE D 58 36.18 -4.17 13.19
N GLY D 59 36.32 -4.15 14.51
CA GLY D 59 35.12 -4.27 15.35
C GLY D 59 35.15 -3.27 16.47
N VAL D 60 33.97 -2.79 16.83
CA VAL D 60 33.82 -2.06 18.08
C VAL D 60 32.82 -2.82 18.93
N THR D 61 33.12 -2.96 20.22
CA THR D 61 32.20 -3.54 21.16
C THR D 61 31.51 -2.43 21.88
N GLY D 62 30.19 -2.31 21.69
CA GLY D 62 29.43 -1.23 22.28
C GLY D 62 27.94 -1.35 21.97
N SER D 63 27.19 -0.30 22.28
CA SER D 63 25.73 -0.27 22.07
C SER D 63 25.30 0.45 20.78
N ASN D 64 24.37 -0.15 20.02
CA ASN D 64 23.72 0.53 18.87
C ASN D 64 22.68 1.60 19.32
N GLN D 65 22.55 1.76 20.66
CA GLN D 65 21.82 2.87 21.27
C GLN D 65 22.73 4.03 21.74
N SER D 66 24.05 3.85 21.70
CA SER D 66 25.00 4.88 22.14
C SER D 66 25.67 5.65 20.98
N ASN D 67 25.30 6.93 20.83
CA ASN D 67 25.97 7.87 19.89
C ASN D 67 27.53 7.88 19.96
N ASP D 68 28.09 7.63 21.15
CA ASP D 68 29.56 7.61 21.37
C ASP D 68 30.33 6.33 20.91
N ASP D 69 29.71 5.18 21.12
CA ASP D 69 30.24 3.92 20.58
C ASP D 69 30.17 3.99 19.05
N LEU D 70 29.05 4.54 18.56
CA LEU D 70 28.85 4.71 17.14
C LEU D 70 29.89 5.63 16.52
N GLN D 71 30.17 6.76 17.17
CA GLN D 71 31.19 7.68 16.65
C GLN D 71 32.55 7.02 16.63
N LYS D 72 32.88 6.23 17.65
CA LYS D 72 34.14 5.50 17.66
C LYS D 72 34.26 4.58 16.43
N LEU D 73 33.20 3.80 16.19
N LEU D 73 33.21 3.80 16.16
CA LEU D 73 33.09 2.92 15.02
CA LEU D 73 33.24 2.91 14.99
C LEU D 73 33.32 3.67 13.69
C LEU D 73 33.35 3.69 13.66
N VAL D 74 32.60 4.77 13.51
CA VAL D 74 32.72 5.60 12.30
C VAL D 74 34.14 6.20 12.17
N ASP D 75 34.63 6.78 13.24
CA ASP D 75 35.96 7.40 13.22
C ASP D 75 37.04 6.40 12.88
N GLN D 76 36.94 5.20 13.44
CA GLN D 76 37.94 4.16 13.18
C GLN D 76 37.91 3.66 11.76
N THR D 77 36.70 3.50 11.23
CA THR D 77 36.51 3.10 9.85
C THR D 77 37.08 4.15 8.90
N LEU D 78 36.83 5.42 9.14
CA LEU D 78 37.37 6.48 8.27
C LEU D 78 38.88 6.61 8.45
N GLU D 79 39.38 6.47 9.67
CA GLU D 79 40.84 6.56 9.88
C GLU D 79 41.57 5.48 9.10
N LYS D 80 40.97 4.30 9.02
CA LYS D 80 41.58 3.18 8.35
C LYS D 80 41.45 3.19 6.82
N TRP D 81 40.23 3.38 6.32
CA TRP D 81 39.93 3.26 4.89
C TRP D 81 39.53 4.54 4.21
N GLY D 82 39.16 5.56 4.98
CA GLY D 82 38.89 6.89 4.43
C GLY D 82 37.56 7.03 3.68
N ARG D 83 36.71 6.02 3.76
CA ARG D 83 35.42 6.05 3.06
C ARG D 83 34.47 5.11 3.75
N ILE D 84 33.17 5.32 3.49
CA ILE D 84 32.09 4.44 3.97
C ILE D 84 31.08 4.33 2.83
N ASP D 85 30.97 3.16 2.21
CA ASP D 85 30.10 2.96 1.07
C ASP D 85 28.71 2.45 1.45
N VAL D 86 28.69 1.57 2.44
CA VAL D 86 27.49 0.84 2.86
C VAL D 86 27.36 0.87 4.38
N LEU D 87 26.15 1.16 4.85
CA LEU D 87 25.79 0.95 6.24
C LEU D 87 24.60 -0.02 6.28
N VAL D 88 24.71 -1.08 7.07
CA VAL D 88 23.64 -2.01 7.29
C VAL D 88 23.26 -2.00 8.77
N ASN D 89 21.99 -1.75 9.07
CA ASN D 89 21.54 -1.70 10.46
C ASN D 89 20.62 -2.85 10.80
N SER D 90 21.09 -3.78 11.62
CA SER D 90 20.21 -4.87 12.07
C SER D 90 19.66 -4.46 13.44
N ALA D 91 18.92 -5.32 14.13
CA ALA D 91 18.29 -4.88 15.39
C ALA D 91 18.29 -5.94 16.47
N GLY D 92 18.08 -5.50 17.72
CA GLY D 92 17.81 -6.37 18.85
C GLY D 92 16.33 -6.73 18.95
N HIS D 93 15.87 -6.98 20.17
CA HIS D 93 14.50 -7.41 20.40
C HIS D 93 13.91 -6.43 21.39
N GLY D 94 12.78 -5.85 21.01
CA GLY D 94 12.10 -4.81 21.81
C GLY D 94 10.78 -5.29 22.43
N PRO D 95 10.12 -4.40 23.19
CA PRO D 95 8.97 -4.79 24.05
C PRO D 95 7.88 -5.60 23.30
N ARG D 96 7.36 -6.65 23.95
CA ARG D 96 6.27 -7.48 23.40
C ARG D 96 5.22 -7.75 24.49
N ALA D 97 4.02 -7.24 24.31
CA ALA D 97 2.94 -7.35 25.27
C ALA D 97 1.61 -7.03 24.59
N PRO D 98 0.50 -7.31 25.25
CA PRO D 98 -0.76 -6.84 24.69
C PRO D 98 -0.74 -5.32 24.45
N ILE D 99 -1.42 -4.92 23.37
CA ILE D 99 -1.26 -3.58 22.79
C ILE D 99 -1.51 -2.39 23.73
N LEU D 100 -2.48 -2.52 24.65
CA LEU D 100 -2.76 -1.42 25.61
C LEU D 100 -1.95 -1.55 26.91
N GLU D 101 -1.25 -2.67 27.10
CA GLU D 101 -0.46 -2.88 28.30
C GLU D 101 0.98 -2.42 28.15
N ILE D 102 1.46 -2.27 26.93
CA ILE D 102 2.78 -1.73 26.69
C ILE D 102 2.84 -0.34 27.32
N THR D 103 3.75 -0.09 28.25
CA THR D 103 3.74 1.21 28.96
C THR D 103 4.34 2.33 28.08
N ASP D 104 4.10 3.57 28.47
CA ASP D 104 4.76 4.67 27.77
C ASP D 104 6.28 4.48 27.72
N GLU D 105 6.87 4.08 28.85
CA GLU D 105 8.31 3.84 28.90
C GLU D 105 8.76 2.78 27.88
N ASP D 106 7.99 1.71 27.78
CA ASP D 106 8.24 0.62 26.86
C ASP D 106 8.10 1.12 25.41
N TRP D 107 7.13 2.00 25.10
CA TRP D 107 7.04 2.52 23.74
C TRP D 107 8.35 3.29 23.41
N HIS D 108 8.82 4.12 24.35
CA HIS D 108 10.05 4.87 24.17
C HIS D 108 11.23 3.93 23.93
N LYS D 109 11.31 2.87 24.71
CA LYS D 109 12.39 1.89 24.55
C LYS D 109 12.31 1.22 23.21
N GLY D 110 11.09 0.88 22.78
CA GLY D 110 10.90 0.33 21.44
C GLY D 110 11.40 1.24 20.32
N MET D 111 11.17 2.53 20.47
CA MET D 111 11.67 3.49 19.48
C MET D 111 13.18 3.46 19.42
N ASP D 112 13.83 3.37 20.59
CA ASP D 112 15.29 3.28 20.63
C ASP D 112 15.80 2.02 19.92
N THR D 113 15.08 0.93 20.09
CA THR D 113 15.51 -0.36 19.61
C THR D 113 15.30 -0.53 18.13
N TYR D 114 14.19 -0.03 17.62
CA TYR D 114 13.73 -0.31 16.25
C TYR D 114 13.69 0.86 15.28
N PHE D 115 13.86 2.09 15.77
CA PHE D 115 13.86 3.28 14.91
C PHE D 115 15.21 4.00 15.03
N LEU D 116 15.59 4.42 16.23
CA LEU D 116 16.84 5.20 16.33
C LEU D 116 18.10 4.34 16.15
N ASN D 117 17.95 3.02 16.28
CA ASN D 117 19.09 2.12 15.95
C ASN D 117 19.56 2.32 14.51
N ALA D 118 18.63 2.70 13.62
CA ALA D 118 18.95 2.99 12.23
C ALA D 118 19.27 4.45 12.02
N VAL D 119 18.53 5.34 12.68
CA VAL D 119 18.73 6.79 12.48
C VAL D 119 20.09 7.29 12.97
N ARG D 120 20.46 6.92 14.21
CA ARG D 120 21.69 7.38 14.81
C ARG D 120 22.95 7.15 13.92
N PRO D 121 23.22 5.89 13.51
CA PRO D 121 24.39 5.73 12.64
C PRO D 121 24.23 6.36 11.26
N ALA D 122 22.99 6.44 10.73
CA ALA D 122 22.78 7.15 9.48
C ALA D 122 23.32 8.60 9.54
N ARG D 123 23.10 9.27 10.66
CA ARG D 123 23.57 10.66 10.75
C ARG D 123 25.09 10.75 10.57
N LEU D 124 25.79 9.73 11.07
CA LEU D 124 27.26 9.80 11.20
C LEU D 124 27.98 9.37 9.95
N VAL D 125 27.33 8.54 9.12
CA VAL D 125 27.97 8.07 7.87
C VAL D 125 27.70 8.98 6.68
N VAL D 126 26.64 9.78 6.76
CA VAL D 126 26.22 10.56 5.60
C VAL D 126 27.27 11.61 5.16
N PRO D 127 27.98 12.26 6.10
CA PRO D 127 29.00 13.19 5.60
C PRO D 127 30.02 12.56 4.63
N ALA D 128 30.49 11.36 4.96
CA ALA D 128 31.41 10.65 4.07
C ALA D 128 30.73 10.36 2.74
N MET D 129 29.47 9.89 2.79
CA MET D 129 28.74 9.57 1.57
C MET D 129 28.51 10.82 0.73
N GLN D 130 28.31 11.97 1.37
CA GLN D 130 28.18 13.22 0.62
C GLN D 130 29.48 13.58 -0.08
N LYS D 131 30.60 13.41 0.59
CA LYS D 131 31.88 13.71 -0.02
C LYS D 131 32.11 12.83 -1.22
N GLN D 132 31.73 11.56 -1.09
CA GLN D 132 31.84 10.55 -2.14
C GLN D 132 30.83 10.70 -3.28
N LYS D 133 29.72 11.37 -3.01
CA LYS D 133 28.56 11.38 -3.90
C LYS D 133 28.16 9.96 -4.23
N SER D 134 28.16 9.12 -3.19
CA SER D 134 27.84 7.72 -3.33
C SER D 134 27.62 7.08 -1.96
N GLY D 135 26.52 6.38 -1.78
CA GLY D 135 26.33 5.64 -0.56
C GLY D 135 25.04 4.87 -0.52
N VAL D 136 25.02 3.81 0.29
CA VAL D 136 23.83 2.96 0.47
C VAL D 136 23.65 2.68 1.96
N ILE D 137 22.43 2.83 2.46
CA ILE D 137 22.09 2.46 3.83
C ILE D 137 20.94 1.47 3.73
N ILE D 138 21.08 0.32 4.39
CA ILE D 138 20.06 -0.73 4.35
C ILE D 138 19.68 -1.07 5.77
N ASN D 139 18.41 -1.01 6.08
CA ASN D 139 17.95 -1.36 7.41
C ASN D 139 17.20 -2.67 7.38
N ILE D 140 17.47 -3.53 8.34
CA ILE D 140 16.70 -4.74 8.50
C ILE D 140 15.46 -4.42 9.32
N SER D 141 14.28 -4.58 8.69
CA SER D 141 13.02 -4.19 9.25
C SER D 141 12.22 -5.47 9.55
N THR D 142 10.93 -5.50 9.21
CA THR D 142 10.10 -6.65 9.50
C THR D 142 8.96 -6.72 8.51
N ALA D 143 8.66 -7.91 8.02
CA ALA D 143 7.52 -8.10 7.09
C ALA D 143 6.17 -7.71 7.70
N TRP D 144 6.12 -7.65 9.01
CA TRP D 144 4.90 -7.27 9.73
C TRP D 144 4.70 -5.75 9.86
N ALA D 145 5.57 -4.93 9.26
CA ALA D 145 5.49 -3.48 9.46
C ALA D 145 4.13 -2.91 9.05
N PHE D 146 3.62 -3.33 7.91
CA PHE D 146 2.36 -2.82 7.39
C PHE D 146 1.20 -3.80 7.54
N GLU D 147 1.49 -5.00 8.02
CA GLU D 147 0.48 -6.02 8.33
C GLU D 147 0.83 -6.49 9.74
N PRO D 148 0.64 -5.61 10.72
CA PRO D 148 1.17 -5.88 12.06
C PRO D 148 0.41 -6.95 12.79
N SER D 149 1.13 -7.55 13.73
CA SER D 149 0.59 -8.59 14.56
C SER D 149 0.80 -8.24 16.03
N ALA D 150 -0.11 -8.70 16.88
CA ALA D 150 0.08 -8.60 18.32
C ALA D 150 1.33 -9.30 18.83
N MET D 151 1.93 -10.20 18.06
CA MET D 151 3.15 -10.86 18.49
C MET D 151 4.32 -9.87 18.62
N PHE D 152 4.35 -8.86 17.75
CA PHE D 152 5.54 -7.99 17.63
C PHE D 152 5.10 -6.55 17.55
N PRO D 153 4.49 -6.03 18.61
CA PRO D 153 3.87 -4.72 18.47
C PRO D 153 4.86 -3.55 18.37
N THR D 154 5.91 -3.47 19.20
CA THR D 154 6.80 -2.31 19.06
C THR D 154 7.65 -2.41 17.79
N SER D 155 8.01 -3.63 17.40
CA SER D 155 8.74 -3.84 16.14
C SER D 155 7.93 -3.30 14.95
N ALA D 156 6.69 -3.72 14.82
CA ALA D 156 5.88 -3.28 13.65
C ALA D 156 5.63 -1.78 13.67
N VAL D 157 5.25 -1.25 14.82
CA VAL D 157 5.01 0.20 14.95
C VAL D 157 6.23 1.02 14.53
N PHE D 158 7.39 0.74 15.08
CA PHE D 158 8.53 1.57 14.76
C PHE D 158 9.17 1.29 13.42
N ARG D 159 9.01 0.10 12.87
CA ARG D 159 9.51 -0.17 11.53
C ARG D 159 8.57 0.41 10.47
N ALA D 160 7.28 0.51 10.74
CA ALA D 160 6.43 1.40 9.92
C ALA D 160 6.90 2.85 9.94
N GLY D 161 7.20 3.37 11.12
CA GLY D 161 7.77 4.71 11.22
C GLY D 161 9.12 4.83 10.51
N LEU D 162 9.95 3.79 10.60
CA LEU D 162 11.23 3.76 9.91
C LEU D 162 11.03 3.85 8.39
N ALA D 163 9.97 3.23 7.87
CA ALA D 163 9.71 3.31 6.42
C ALA D 163 9.46 4.77 6.01
N SER D 164 8.74 5.51 6.84
CA SER D 164 8.48 6.94 6.51
C SER D 164 9.74 7.78 6.61
N PHE D 165 10.50 7.56 7.67
CA PHE D 165 11.85 8.16 7.78
C PHE D 165 12.70 7.87 6.54
N THR D 166 12.68 6.60 6.10
CA THR D 166 13.46 6.13 4.94
C THR D 166 13.08 6.88 3.68
N LYS D 167 11.78 7.12 3.51
CA LYS D 167 11.33 7.85 2.35
C LYS D 167 11.75 9.34 2.36
N ILE D 168 11.64 9.98 3.52
CA ILE D 168 12.07 11.36 3.63
C ILE D 168 13.56 11.42 3.38
N PHE D 169 14.29 10.47 3.97
CA PHE D 169 15.74 10.43 3.76
C PHE D 169 16.07 10.25 2.28
N ALA D 170 15.41 9.28 1.64
CA ALA D 170 15.68 8.99 0.26
C ALA D 170 15.47 10.21 -0.64
N ASP D 171 14.37 10.93 -0.44
CA ASP D 171 14.11 12.17 -1.21
C ASP D 171 15.15 13.28 -0.94
N THR D 172 15.62 13.36 0.31
CA THR D 172 16.54 14.44 0.73
C THR D 172 17.93 14.25 0.13
N TYR D 173 18.38 13.00 0.01
CA TYR D 173 19.74 12.68 -0.41
C TYR D 173 19.88 12.03 -1.78
N ALA D 174 18.76 11.84 -2.47
CA ALA D 174 18.79 11.19 -3.80
C ALA D 174 19.72 11.91 -4.78
N ALA D 175 19.70 13.25 -4.77
CA ALA D 175 20.45 14.01 -5.73
C ALA D 175 21.95 13.88 -5.50
N GLU D 176 22.34 13.48 -4.29
CA GLU D 176 23.74 13.22 -3.95
C GLU D 176 24.15 11.74 -4.16
N ASN D 177 23.27 10.97 -4.80
CA ASN D 177 23.50 9.56 -5.11
C ASN D 177 23.62 8.71 -3.86
N ILE D 178 22.87 9.05 -2.82
CA ILE D 178 22.88 8.31 -1.56
C ILE D 178 21.48 7.69 -1.41
N ARG D 179 21.42 6.36 -1.25
CA ARG D 179 20.17 5.63 -1.24
C ARG D 179 19.94 4.95 0.09
N MET D 180 18.67 4.77 0.44
CA MET D 180 18.31 4.00 1.64
C MET D 180 17.12 3.09 1.32
N ASN D 181 17.25 1.81 1.69
CA ASN D 181 16.16 0.84 1.50
C ASN D 181 16.10 -0.06 2.71
N ASN D 182 14.93 -0.67 2.91
CA ASN D 182 14.69 -1.58 4.00
C ASN D 182 14.37 -2.99 3.48
N VAL D 183 14.89 -3.99 4.17
CA VAL D 183 14.62 -5.39 3.87
C VAL D 183 13.72 -5.88 5.02
N LEU D 184 12.56 -6.44 4.67
CA LEU D 184 11.51 -6.76 5.60
C LEU D 184 11.38 -8.30 5.68
N PRO D 185 12.13 -8.94 6.62
CA PRO D 185 12.06 -10.40 6.69
C PRO D 185 10.84 -10.92 7.36
N GLY D 186 10.41 -12.08 6.86
CA GLY D 186 9.39 -12.92 7.51
C GLY D 186 10.05 -13.78 8.59
N TRP D 187 9.64 -15.05 8.67
CA TRP D 187 10.20 -16.03 9.63
C TRP D 187 11.51 -16.50 9.09
N ILE D 188 12.59 -16.25 9.82
CA ILE D 188 13.97 -16.52 9.36
C ILE D 188 14.64 -17.47 10.36
N ASP D 189 15.41 -18.42 9.84
CA ASP D 189 16.03 -19.44 10.68
C ASP D 189 17.13 -18.94 11.64
N SER D 190 17.19 -17.64 11.92
CA SER D 190 18.10 -17.13 12.95
C SER D 190 17.59 -17.48 14.34
N LEU D 191 16.34 -17.91 14.42
CA LEU D 191 15.78 -18.42 15.67
C LEU D 191 15.08 -19.76 15.42
N PRO D 192 14.88 -20.54 16.50
CA PRO D 192 14.22 -21.84 16.36
C PRO D 192 12.84 -21.77 15.69
N THR D 193 12.58 -22.75 14.84
CA THR D 193 11.35 -22.83 14.08
C THR D 193 10.25 -23.44 14.94
N THR D 194 9.00 -23.06 14.67
CA THR D 194 7.87 -23.89 15.11
C THR D 194 7.14 -24.39 13.87
N GLU D 195 6.44 -25.51 14.05
CA GLU D 195 5.62 -26.07 12.97
C GLU D 195 4.47 -25.18 12.56
N GLU D 196 3.75 -24.59 13.53
CA GLU D 196 2.63 -23.68 13.19
C GLU D 196 3.08 -22.50 12.30
N ARG D 197 4.19 -21.86 12.69
CA ARG D 197 4.72 -20.74 11.92
C ARG D 197 5.18 -21.19 10.52
N ARG D 198 5.92 -22.29 10.46
CA ARG D 198 6.43 -22.81 9.19
C ARG D 198 5.28 -23.07 8.22
N GLU D 199 4.25 -23.76 8.72
CA GLU D 199 3.08 -24.08 7.92
C GLU D 199 2.28 -22.87 7.50
N SER D 200 2.41 -21.75 8.21
CA SER D 200 1.69 -20.52 7.83
C SER D 200 2.32 -19.81 6.62
N VAL D 201 3.55 -20.18 6.27
CA VAL D 201 4.22 -19.56 5.16
C VAL D 201 3.81 -20.29 3.88
N PRO D 202 3.32 -19.58 2.84
CA PRO D 202 2.98 -20.36 1.63
C PRO D 202 4.13 -21.24 1.11
N MET D 203 5.38 -20.73 1.12
CA MET D 203 6.54 -21.57 0.76
C MET D 203 6.88 -22.74 1.74
N GLN D 204 6.20 -22.80 2.89
CA GLN D 204 6.29 -23.92 3.84
C GLN D 204 7.69 -24.17 4.40
N ARG D 205 8.45 -23.09 4.57
CA ARG D 205 9.77 -23.15 5.18
C ARG D 205 10.10 -21.76 5.77
N TYR D 206 11.00 -21.72 6.73
CA TYR D 206 11.59 -20.46 7.14
C TYR D 206 12.57 -20.00 6.05
N GLY D 207 12.84 -18.70 6.05
CA GLY D 207 13.88 -18.14 5.19
C GLY D 207 15.21 -18.37 5.86
N LYS D 208 16.25 -18.43 5.04
CA LYS D 208 17.59 -18.59 5.56
C LYS D 208 18.19 -17.22 5.89
N SER D 209 18.96 -17.13 6.95
CA SER D 209 19.64 -15.88 7.23
C SER D 209 20.47 -15.46 5.99
N GLU D 210 21.05 -16.44 5.27
CA GLU D 210 21.78 -16.17 4.04
C GLU D 210 20.96 -15.57 2.89
N GLU D 211 19.66 -15.86 2.88
CA GLU D 211 18.75 -15.27 1.90
C GLU D 211 18.48 -13.79 2.17
N ILE D 212 18.39 -13.44 3.45
CA ILE D 212 18.34 -12.04 3.84
C ILE D 212 19.66 -11.37 3.48
N ALA D 213 20.77 -12.05 3.76
CA ALA D 213 22.09 -11.47 3.46
C ALA D 213 22.27 -11.28 1.95
N ALA D 214 21.68 -12.17 1.15
CA ALA D 214 21.78 -12.07 -0.30
C ALA D 214 21.02 -10.85 -0.81
N THR D 215 19.91 -10.56 -0.15
CA THR D 215 19.09 -9.40 -0.44
C THR D 215 19.82 -8.09 -0.11
N VAL D 216 20.52 -8.09 1.04
CA VAL D 216 21.38 -6.98 1.44
C VAL D 216 22.48 -6.81 0.42
N SER D 217 23.12 -7.90 0.03
CA SER D 217 24.16 -7.87 -0.98
C SER D 217 23.69 -7.24 -2.29
N PHE D 218 22.54 -7.65 -2.80
CA PHE D 218 22.01 -7.01 -3.99
C PHE D 218 21.86 -5.50 -3.83
N LEU D 219 21.23 -5.12 -2.72
CA LEU D 219 20.92 -3.72 -2.48
C LEU D 219 22.22 -2.88 -2.27
N ALA D 220 23.28 -3.55 -1.85
CA ALA D 220 24.57 -2.91 -1.73
C ALA D 220 25.41 -2.87 -3.01
N SER D 221 24.92 -3.46 -4.10
CA SER D 221 25.69 -3.58 -5.36
C SER D 221 25.33 -2.45 -6.34
N ASP D 222 26.21 -2.20 -7.30
CA ASP D 222 25.96 -1.19 -8.32
C ASP D 222 24.66 -1.42 -9.11
N GLY D 223 24.33 -2.68 -9.33
CA GLY D 223 23.15 -3.03 -10.11
C GLY D 223 21.82 -2.57 -9.48
N ALA D 224 21.78 -2.40 -8.15
CA ALA D 224 20.61 -1.90 -7.43
C ALA D 224 20.59 -0.38 -7.27
N ALA D 225 21.49 0.33 -7.96
CA ALA D 225 21.71 1.74 -7.67
C ALA D 225 20.46 2.65 -7.88
N TYR D 226 19.55 2.25 -8.75
CA TYR D 226 18.38 3.04 -9.03
C TYR D 226 17.22 2.73 -8.10
N ILE D 227 17.45 1.90 -7.08
CA ILE D 227 16.39 1.60 -6.07
C ILE D 227 16.65 2.45 -4.85
N THR D 228 15.64 3.23 -4.45
CA THR D 228 15.77 3.97 -3.20
C THR D 228 14.39 4.24 -2.60
N GLY D 229 14.36 4.23 -1.28
CA GLY D 229 13.17 4.49 -0.49
C GLY D 229 12.19 3.33 -0.33
N GLN D 230 12.62 2.12 -0.70
CA GLN D 230 11.72 0.94 -0.79
C GLN D 230 11.79 0.03 0.42
N ASN D 231 10.73 -0.74 0.60
CA ASN D 231 10.59 -1.73 1.62
C ASN D 231 10.27 -3.07 0.97
N LEU D 232 11.29 -3.95 0.94
CA LEU D 232 11.20 -5.20 0.20
C LEU D 232 10.99 -6.36 1.13
N ARG D 233 9.83 -6.97 1.00
CA ARG D 233 9.48 -8.11 1.84
C ARG D 233 10.07 -9.39 1.35
N VAL D 234 10.75 -10.08 2.26
CA VAL D 234 11.42 -11.34 1.99
C VAL D 234 10.87 -12.36 2.98
N ASP D 235 9.76 -13.01 2.62
CA ASP D 235 8.88 -13.66 3.59
C ASP D 235 8.20 -14.92 3.14
N GLY D 236 8.69 -15.49 2.04
CA GLY D 236 8.10 -16.73 1.52
C GLY D 236 6.63 -16.63 1.15
N GLY D 237 6.14 -15.41 0.90
CA GLY D 237 4.73 -15.18 0.58
C GLY D 237 3.82 -14.95 1.76
N LEU D 238 4.35 -14.87 2.97
CA LEU D 238 3.51 -14.82 4.20
C LEU D 238 2.48 -13.67 4.20
N THR D 239 2.95 -12.46 3.95
CA THR D 239 2.06 -11.28 4.01
C THR D 239 1.10 -11.33 2.81
N ARG D 240 -0.03 -10.63 2.94
CA ARG D 240 -1.16 -10.74 2.00
C ARG D 240 -1.22 -9.66 0.94
N SER D 241 -0.66 -8.49 1.21
CA SER D 241 -0.80 -7.35 0.35
C SER D 241 0.08 -7.50 -0.85
N VAL D 242 -0.42 -7.07 -2.00
CA VAL D 242 0.47 -6.85 -3.14
C VAL D 242 1.56 -5.81 -2.83
C1 GOL E . -26.06 9.64 18.19
O1 GOL E . -25.77 10.29 16.96
C2 GOL E . -26.43 10.68 19.22
O2 GOL E . -27.64 11.38 18.87
C3 GOL E . -26.70 9.95 20.52
O3 GOL E . -26.60 10.89 21.58
C1 GOL F . -21.16 5.55 18.48
C1 GOL F . -20.50 3.96 18.83
O1 GOL F . -19.88 6.11 18.59
O1 GOL F . -19.62 4.32 19.90
C2 GOL F . -21.02 4.11 18.04
C2 GOL F . -20.69 5.11 17.87
O2 GOL F . -21.99 3.44 18.84
O2 GOL F . -21.22 6.33 18.49
C3 GOL F . -21.31 3.95 16.54
C3 GOL F . -21.59 4.56 16.74
O3 GOL F . -21.86 2.66 16.21
O3 GOL F . -21.70 3.12 16.77
C1 GOL G . -24.78 7.80 34.83
O1 GOL G . -25.33 9.07 34.48
C2 GOL G . -23.55 8.10 35.66
O2 GOL G . -23.98 8.92 36.75
C3 GOL G . -22.87 6.81 36.15
O3 GOL G . -21.53 7.13 36.60
C1 EDO H . 7.10 29.10 -6.48
O1 EDO H . 7.88 29.34 -7.66
C2 EDO H . 6.70 27.63 -6.46
O2 EDO H . 7.82 26.81 -6.05
C1 GOL I . -3.72 5.13 3.52
O1 GOL I . -4.96 5.80 3.42
C2 GOL I . -3.98 3.70 3.04
O2 GOL I . -3.80 3.53 1.61
C3 GOL I . -3.13 2.73 3.81
O3 GOL I . -3.18 1.41 3.22
C1 GOL J . -31.86 15.32 -2.36
O1 GOL J . -32.17 16.40 -3.19
C2 GOL J . -30.62 15.68 -1.59
O2 GOL J . -30.86 16.86 -0.78
C3 GOL J . -30.27 14.46 -0.74
O3 GOL J . -28.87 14.49 -0.45
C1 GOL K . -7.04 -0.22 0.04
O1 GOL K . -8.12 0.19 0.84
C2 GOL K . -5.96 0.84 0.24
O2 GOL K . -5.18 0.51 1.40
C3 GOL K . -5.06 1.00 -0.98
O3 GOL K . -3.98 1.89 -0.59
C1 GOL L . -23.52 14.30 -4.62
C1 GOL L . -22.51 15.53 -5.16
O1 GOL L . -24.73 14.20 -3.84
O1 GOL L . -23.18 14.84 -6.21
C2 GOL L . -22.78 15.63 -4.38
C2 GOL L . -23.35 15.63 -3.90
O2 GOL L . -23.65 16.74 -4.63
O2 GOL L . -24.34 14.57 -3.83
C3 GOL L . -22.25 15.69 -2.95
C3 GOL L . -22.47 15.56 -2.66
O3 GOL L . -21.55 16.91 -2.72
O3 GOL L . -21.53 16.63 -2.67
C1 GOL M . 16.62 -19.47 -8.67
C1 GOL M . 16.58 -19.57 -8.79
O1 GOL M . 16.71 -20.03 -7.35
O1 GOL M . 16.35 -20.53 -7.74
C2 GOL M . 15.89 -20.43 -9.61
C2 GOL M . 16.38 -20.28 -10.11
O2 GOL M . 16.56 -21.70 -9.65
O2 GOL M . 16.61 -19.39 -11.21
C3 GOL M . 15.84 -19.84 -11.03
C3 GOL M . 14.96 -20.86 -10.08
O3 GOL M . 17.15 -19.68 -11.58
O3 GOL M . 14.48 -21.14 -11.39
C1 GOL N . 23.33 -21.16 -15.22
O1 GOL N . 22.80 -22.47 -15.02
C2 GOL N . 23.60 -20.43 -13.89
O2 GOL N . 23.16 -21.21 -12.77
C3 GOL N . 22.88 -19.10 -13.83
O3 GOL N . 22.92 -18.59 -12.48
C1 GOL O . 4.95 -0.78 1.50
O1 GOL O . 4.16 -0.10 0.47
C2 GOL O . 5.38 -2.07 0.88
O2 GOL O . 4.27 -2.73 0.14
C3 GOL O . 5.91 -3.00 1.97
O3 GOL O . 6.68 -4.01 1.38
C1 GOL P . 26.71 0.59 -5.11
C1 GOL P . 26.75 0.25 -4.54
O1 GOL P . 26.56 1.55 -6.18
O1 GOL P . 26.63 1.23 -5.59
C2 GOL P . 27.77 1.09 -4.13
C2 GOL P . 27.71 0.70 -3.45
O2 GOL P . 27.77 2.52 -4.08
O2 GOL P . 28.24 -0.40 -2.69
C3 GOL P . 27.53 0.45 -2.75
C3 GOL P . 26.99 1.61 -2.48
O3 GOL P . 27.86 1.36 -1.69
O3 GOL P . 27.79 2.73 -2.11
C1 GOL Q . 4.44 -1.50 -4.96
O1 GOL Q . 5.86 -1.45 -4.99
C2 GOL Q . 4.05 -1.90 -3.53
O2 GOL Q . 4.28 -0.80 -2.60
C3 GOL Q . 2.61 -2.34 -3.37
O3 GOL Q . 2.43 -2.73 -1.97
C1 GOL R . 34.55 -4.35 -2.98
O1 GOL R . 35.30 -3.13 -2.97
C2 GOL R . 33.20 -4.13 -3.66
O2 GOL R . 33.39 -3.92 -5.09
C3 GOL R . 32.33 -5.35 -3.49
O3 GOL R . 31.26 -5.28 -4.45
#